data_1ISS
#
_entry.id   1ISS
#
_cell.length_a   112.142
_cell.length_b   112.142
_cell.length_c   289.905
_cell.angle_alpha   90.00
_cell.angle_beta   90.00
_cell.angle_gamma   90.00
#
_symmetry.space_group_name_H-M   'P 41 21 2'
#
loop_
_entity.id
_entity.type
_entity.pdbx_description
1 polymer 'Metabotropic Glutamate Receptor subtype 1'
2 non-polymer (S)-(ALPHA)-METHYL-4-CARBOXYPHENYLGLYCINE
#
_entity_poly.entity_id   1
_entity_poly.type   'polypeptide(L)'
_entity_poly.pdbx_seq_one_letter_code
;SSQRSVARMDGDVIIGALFSVHHQPPAEKVPERKCGEIREQYGIQRVEAMFHTLDKINADPVLLPNITLGSEIRDSCWHS
SVALEQSIEFIRDSLISIRDEKDGLNRCLPDGQTLPPGRTKKPIAGVIGPGSSSVAIQVQNLLQLFDIPQIAYSATSIDL
SDKTLYKYFLRVVPSDTLQARAMLDIVKRYNWTYVSAVHTEGNYGESGMDAFKELAAQEGLCIAHSDKIYSNAGEKSFDR
LLRKLRERLPKARVVVCFCEGMTVRGLLSAMRRLGVVGEFSLIGSDGWADRDEVIEGYEVEANGGITIKLQSPEVRSFDD
YFLKLRLDTNTRNPWFPEFWQHRFQCRLPGHLLENPNFKKVCTGNESLEENYVQDSKMGFVINAIYAMAHGLQNMHHALC
PGHVGLCDAMKPIDGRKLLDFLIKSSFVGVSGEEVWFDEKGDAPGRYDIMNLQYTEANRYDYVHVGTWHEGVLNIDDYKI
QMNKSGMVRS
;
_entity_poly.pdbx_strand_id   A,B
#
# COMPACT_ATOMS: atom_id res chain seq x y z
N ARG A 4 22.13 1.49 -11.54
CA ARG A 4 22.45 2.34 -10.35
C ARG A 4 23.27 1.55 -9.32
N SER A 5 24.51 1.97 -9.11
CA SER A 5 25.45 1.32 -8.18
C SER A 5 24.84 0.90 -6.84
N VAL A 6 25.52 0.05 -6.10
CA VAL A 6 25.03 -0.37 -4.78
C VAL A 6 26.09 -0.77 -3.75
N ALA A 7 26.12 -0.09 -2.62
CA ALA A 7 27.09 -0.40 -1.58
C ALA A 7 26.69 -1.72 -1.02
N ARG A 8 27.67 -2.56 -0.67
CA ARG A 8 27.34 -3.86 -0.11
C ARG A 8 28.53 -4.42 0.63
N MET A 9 28.25 -5.05 1.75
CA MET A 9 29.28 -5.65 2.56
C MET A 9 28.70 -7.03 2.86
N ASP A 10 29.55 -8.05 2.96
CA ASP A 10 29.01 -9.39 3.21
C ASP A 10 28.97 -9.84 4.68
N GLY A 11 28.07 -10.79 4.94
CA GLY A 11 27.90 -11.32 6.29
C GLY A 11 26.89 -12.45 6.41
N ASP A 12 26.62 -12.85 7.65
CA ASP A 12 25.68 -13.93 7.94
C ASP A 12 24.24 -13.45 7.91
N VAL A 13 24.03 -12.21 8.34
CA VAL A 13 22.71 -11.61 8.35
C VAL A 13 22.91 -10.27 7.65
N ILE A 14 22.17 -10.02 6.59
CA ILE A 14 22.35 -8.76 5.87
C ILE A 14 21.31 -7.67 6.16
N ILE A 15 21.79 -6.50 6.59
CA ILE A 15 20.86 -5.44 6.87
C ILE A 15 20.76 -4.48 5.69
N GLY A 16 19.53 -4.12 5.32
CA GLY A 16 19.33 -3.21 4.22
C GLY A 16 19.30 -1.76 4.67
N ALA A 17 19.58 -0.83 3.74
CA ALA A 17 19.57 0.59 4.10
C ALA A 17 19.29 1.51 2.94
N LEU A 18 18.45 2.52 3.20
CA LEU A 18 18.08 3.50 2.18
C LEU A 18 18.52 4.94 2.45
N PHE A 19 19.81 5.23 2.30
CA PHE A 19 20.29 6.58 2.52
C PHE A 19 20.19 7.41 1.25
N SER A 20 20.20 8.73 1.39
CA SER A 20 20.11 9.60 0.21
C SER A 20 21.47 9.94 -0.41
N VAL A 21 22.03 9.05 -1.21
CA VAL A 21 23.34 9.30 -1.81
C VAL A 21 23.37 10.51 -2.70
N HIS A 22 22.41 10.63 -3.59
CA HIS A 22 22.37 11.79 -4.48
C HIS A 22 21.12 12.60 -4.21
N HIS A 23 21.01 13.75 -4.86
CA HIS A 23 19.85 14.58 -4.66
C HIS A 23 18.70 13.98 -5.42
N GLN A 24 17.50 14.50 -5.19
CA GLN A 24 16.37 13.94 -5.88
C GLN A 24 16.41 14.36 -7.34
N PRO A 25 15.66 13.64 -8.20
CA PRO A 25 15.58 13.91 -9.64
C PRO A 25 14.91 15.25 -9.88
N PRO A 26 15.35 15.97 -10.91
CA PRO A 26 14.70 17.26 -11.16
C PRO A 26 13.23 17.05 -11.48
N ALA A 27 12.53 18.14 -11.80
CA ALA A 27 11.10 18.08 -12.10
C ALA A 27 10.76 17.11 -13.22
N GLU A 28 11.32 17.33 -14.42
CA GLU A 28 11.02 16.48 -15.57
C GLU A 28 11.84 15.19 -15.66
N LYS A 29 12.84 15.04 -14.79
CA LYS A 29 13.65 13.83 -14.84
C LYS A 29 13.03 12.72 -13.97
N VAL A 30 11.89 13.01 -13.35
CA VAL A 30 11.24 12.04 -12.49
C VAL A 30 10.85 10.73 -13.20
N PRO A 31 10.48 10.81 -14.49
CA PRO A 31 10.09 9.61 -15.24
C PRO A 31 11.22 8.60 -15.45
N GLU A 32 12.30 9.05 -16.06
CA GLU A 32 13.44 8.17 -16.30
C GLU A 32 14.21 7.89 -15.01
N ARG A 33 13.78 8.56 -13.94
CA ARG A 33 14.40 8.41 -12.61
C ARG A 33 15.89 8.75 -12.40
N LYS A 34 16.41 9.76 -13.12
CA LYS A 34 17.80 10.17 -12.98
C LYS A 34 17.92 11.18 -11.83
N CYS A 35 18.75 10.88 -10.84
CA CYS A 35 18.86 11.77 -9.69
C CYS A 35 19.76 12.98 -9.94
N GLY A 36 20.05 13.73 -8.88
CA GLY A 36 20.91 14.91 -8.97
C GLY A 36 22.34 14.66 -8.50
N GLU A 37 23.08 15.74 -8.21
CA GLU A 37 24.47 15.61 -7.76
C GLU A 37 24.63 14.90 -6.43
N ILE A 38 25.78 14.26 -6.23
CA ILE A 38 26.02 13.50 -5.00
C ILE A 38 25.89 14.38 -3.73
N ARG A 39 25.82 13.77 -2.54
CA ARG A 39 25.71 14.54 -1.30
C ARG A 39 26.63 13.95 -0.21
N GLU A 40 27.32 14.82 0.52
CA GLU A 40 28.21 14.32 1.56
C GLU A 40 27.37 14.15 2.81
N GLN A 41 26.81 15.28 3.23
CA GLN A 41 25.97 15.42 4.40
C GLN A 41 25.00 14.26 4.58
N TYR A 42 23.92 14.25 3.80
CA TYR A 42 22.89 13.21 3.90
C TYR A 42 23.26 11.93 3.17
N GLY A 43 24.45 11.89 2.58
CA GLY A 43 24.85 10.71 1.81
C GLY A 43 26.11 9.94 2.17
N ILE A 44 27.19 10.19 1.45
CA ILE A 44 28.39 9.43 1.72
C ILE A 44 28.66 9.21 3.21
N GLN A 45 28.40 10.20 4.05
CA GLN A 45 28.64 10.05 5.48
C GLN A 45 27.68 9.07 6.12
N ARG A 46 26.46 9.04 5.59
CA ARG A 46 25.45 8.12 6.08
C ARG A 46 25.98 6.74 5.77
N VAL A 47 26.27 6.51 4.48
CA VAL A 47 26.83 5.24 4.03
C VAL A 47 28.10 4.84 4.80
N GLU A 48 29.15 5.66 4.74
CA GLU A 48 30.40 5.38 5.45
C GLU A 48 30.13 5.00 6.89
N ALA A 49 29.12 5.64 7.46
CA ALA A 49 28.73 5.38 8.83
C ALA A 49 28.36 3.90 8.96
N MET A 50 27.49 3.42 8.08
CA MET A 50 27.03 2.05 8.11
C MET A 50 28.20 1.16 8.40
N PHE A 51 29.03 1.00 7.36
CA PHE A 51 30.25 0.20 7.38
C PHE A 51 30.91 0.27 8.73
N HIS A 52 31.30 1.48 9.12
CA HIS A 52 31.94 1.66 10.40
C HIS A 52 31.14 0.97 11.51
N THR A 53 29.96 1.49 11.80
CA THR A 53 29.14 0.90 12.86
C THR A 53 29.20 -0.61 12.74
N LEU A 54 29.00 -1.10 11.53
CA LEU A 54 29.03 -2.53 11.32
C LEU A 54 30.39 -3.11 11.73
N ASP A 55 31.47 -2.46 11.34
CA ASP A 55 32.78 -2.98 11.73
C ASP A 55 32.87 -3.07 13.25
N LYS A 56 32.42 -2.02 13.94
CA LYS A 56 32.47 -2.00 15.41
C LYS A 56 31.61 -3.09 16.06
N ILE A 57 30.41 -3.32 15.54
CA ILE A 57 29.55 -4.35 16.11
C ILE A 57 30.22 -5.70 15.88
N ASN A 58 30.59 -5.98 14.64
CA ASN A 58 31.23 -7.24 14.28
C ASN A 58 32.45 -7.53 15.13
N ALA A 59 33.23 -6.50 15.43
CA ALA A 59 34.42 -6.68 16.24
C ALA A 59 34.09 -6.89 17.72
N ASP A 60 32.92 -6.41 18.15
CA ASP A 60 32.47 -6.53 19.54
C ASP A 60 32.34 -8.00 19.94
N PRO A 61 32.71 -8.33 21.19
CA PRO A 61 32.67 -9.68 21.79
C PRO A 61 31.42 -10.00 22.60
N VAL A 62 30.64 -8.97 22.92
CA VAL A 62 29.41 -9.12 23.69
C VAL A 62 28.17 -9.24 22.80
N LEU A 63 28.07 -8.35 21.82
CA LEU A 63 26.94 -8.33 20.91
C LEU A 63 27.15 -9.30 19.75
N LEU A 64 26.09 -10.00 19.35
CA LEU A 64 26.13 -10.98 18.26
C LEU A 64 27.56 -11.52 18.09
N PRO A 65 27.94 -12.44 18.99
CA PRO A 65 29.23 -13.14 19.09
C PRO A 65 29.84 -13.67 17.79
N ASN A 66 29.39 -14.85 17.39
CA ASN A 66 29.91 -15.47 16.18
C ASN A 66 28.92 -15.38 15.02
N ILE A 67 28.38 -14.18 14.81
CA ILE A 67 27.44 -13.94 13.72
C ILE A 67 27.72 -12.62 13.01
N THR A 68 28.66 -12.66 12.06
CA THR A 68 29.04 -11.49 11.28
C THR A 68 27.80 -10.79 10.74
N LEU A 69 27.84 -9.46 10.70
CA LEU A 69 26.74 -8.67 10.16
C LEU A 69 27.18 -8.01 8.87
N GLY A 70 26.39 -8.20 7.81
CA GLY A 70 26.68 -7.62 6.50
C GLY A 70 25.58 -6.65 6.10
N SER A 71 25.74 -5.98 4.97
CA SER A 71 24.73 -5.02 4.61
C SER A 71 24.62 -4.65 3.14
N GLU A 72 23.43 -4.20 2.75
CA GLU A 72 23.19 -3.78 1.38
C GLU A 72 22.59 -2.36 1.44
N ILE A 73 23.41 -1.40 1.04
CA ILE A 73 23.07 0.00 1.06
C ILE A 73 22.69 0.50 -0.32
N ARG A 74 21.44 0.90 -0.52
CA ARG A 74 21.05 1.44 -1.82
C ARG A 74 20.70 2.92 -1.71
N ASP A 75 20.91 3.65 -2.80
CA ASP A 75 20.63 5.09 -2.88
C ASP A 75 19.14 5.37 -2.98
N SER A 76 18.63 6.29 -2.16
CA SER A 76 17.20 6.61 -2.14
C SER A 76 16.87 7.85 -2.95
N CYS A 77 17.87 8.70 -3.13
CA CYS A 77 17.71 9.96 -3.87
C CYS A 77 16.55 10.76 -3.34
N TRP A 78 16.33 10.60 -2.03
CA TRP A 78 15.31 11.33 -1.33
C TRP A 78 14.03 11.45 -2.13
N HIS A 79 13.64 10.40 -2.84
CA HIS A 79 12.41 10.47 -3.62
C HIS A 79 11.67 9.14 -3.61
N SER A 80 10.36 9.18 -3.38
CA SER A 80 9.56 7.96 -3.32
C SER A 80 9.82 6.99 -4.46
N SER A 81 9.94 7.54 -5.67
CA SER A 81 10.15 6.75 -6.87
C SER A 81 11.41 5.90 -6.91
N VAL A 82 12.56 6.49 -6.62
CA VAL A 82 13.76 5.68 -6.65
C VAL A 82 13.74 4.74 -5.44
N ALA A 83 13.44 5.30 -4.28
CA ALA A 83 13.39 4.53 -3.03
C ALA A 83 12.54 3.27 -3.24
N LEU A 84 11.45 3.41 -3.98
CA LEU A 84 10.60 2.25 -4.22
C LEU A 84 11.31 1.28 -5.14
N GLU A 85 11.85 1.80 -6.24
CA GLU A 85 12.59 0.98 -7.22
C GLU A 85 13.54 0.04 -6.53
N GLN A 86 14.36 0.62 -5.65
CA GLN A 86 15.33 -0.14 -4.87
C GLN A 86 14.58 -1.07 -3.92
N SER A 87 13.66 -0.51 -3.14
CA SER A 87 12.90 -1.33 -2.21
C SER A 87 12.48 -2.63 -2.91
N ILE A 88 12.19 -2.54 -4.21
CA ILE A 88 11.81 -3.72 -4.97
C ILE A 88 12.95 -4.71 -4.89
N GLU A 89 14.08 -4.37 -5.51
CA GLU A 89 15.26 -5.25 -5.49
C GLU A 89 15.34 -5.96 -4.14
N PHE A 90 15.15 -5.18 -3.08
CA PHE A 90 15.24 -5.74 -1.74
C PHE A 90 14.35 -6.91 -1.61
N ILE A 91 13.05 -6.68 -1.72
CA ILE A 91 12.15 -7.80 -1.52
C ILE A 91 12.40 -8.90 -2.53
N ARG A 92 12.41 -8.59 -3.82
CA ARG A 92 12.62 -9.67 -4.79
C ARG A 92 13.91 -10.46 -4.56
N ASP A 93 15.06 -9.81 -4.55
CA ASP A 93 16.30 -10.53 -4.28
C ASP A 93 15.99 -11.52 -3.13
N SER A 94 15.22 -11.03 -2.14
CA SER A 94 14.80 -11.79 -0.95
C SER A 94 13.80 -12.93 -1.20
N LEU A 95 12.71 -12.66 -1.91
CA LEU A 95 11.71 -13.70 -2.18
C LEU A 95 12.34 -14.89 -2.91
N ILE A 96 13.56 -14.74 -3.41
CA ILE A 96 14.26 -15.83 -4.10
C ILE A 96 15.51 -16.21 -3.31
N LYS A 122 21.53 -14.31 -0.79
CA LYS A 122 21.25 -13.82 0.61
C LYS A 122 20.14 -12.75 0.63
N PRO A 123 19.10 -12.97 1.47
CA PRO A 123 17.96 -12.07 1.63
C PRO A 123 18.21 -11.01 2.68
N ILE A 124 17.36 -9.98 2.66
CA ILE A 124 17.42 -8.88 3.64
C ILE A 124 16.62 -9.24 4.88
N ALA A 125 17.18 -8.90 6.04
CA ALA A 125 16.54 -9.20 7.30
C ALA A 125 15.74 -7.99 7.74
N GLY A 126 16.25 -6.80 7.39
CA GLY A 126 15.57 -5.56 7.74
C GLY A 126 16.04 -4.33 6.96
N VAL A 127 15.32 -3.23 7.11
CA VAL A 127 15.66 -2.01 6.41
C VAL A 127 15.82 -0.78 7.30
N ILE A 128 16.91 -0.04 7.08
CA ILE A 128 17.21 1.20 7.78
C ILE A 128 16.93 2.34 6.82
N GLY A 129 16.22 3.35 7.32
CA GLY A 129 15.82 4.50 6.51
C GLY A 129 14.40 4.31 5.97
N PRO A 130 13.96 5.07 4.96
CA PRO A 130 14.69 6.12 4.26
C PRO A 130 14.59 7.39 5.06
N GLY A 131 15.20 8.47 4.58
CA GLY A 131 15.15 9.73 5.31
C GLY A 131 13.82 10.44 5.57
N SER A 132 13.24 11.01 4.50
CA SER A 132 11.97 11.72 4.57
C SER A 132 10.76 10.85 4.98
N SER A 133 9.91 11.41 5.84
CA SER A 133 8.71 10.69 6.28
C SER A 133 7.80 10.40 5.11
N SER A 134 7.64 11.40 4.25
CA SER A 134 6.79 11.25 3.08
C SER A 134 7.20 10.02 2.32
N VAL A 135 8.51 9.76 2.30
CA VAL A 135 9.01 8.60 1.58
C VAL A 135 8.88 7.35 2.42
N ALA A 136 9.40 7.41 3.65
CA ALA A 136 9.34 6.26 4.55
C ALA A 136 7.94 5.64 4.63
N ILE A 137 6.92 6.43 4.37
CA ILE A 137 5.55 5.92 4.37
C ILE A 137 5.43 4.99 3.17
N GLN A 138 5.76 5.55 2.02
CA GLN A 138 5.72 4.84 0.76
C GLN A 138 6.50 3.53 0.94
N VAL A 139 7.76 3.65 1.30
CA VAL A 139 8.55 2.46 1.49
C VAL A 139 7.92 1.45 2.47
N GLN A 140 7.19 1.95 3.47
CA GLN A 140 6.57 1.06 4.45
C GLN A 140 5.44 0.24 3.85
N ASN A 141 4.76 0.80 2.88
CA ASN A 141 3.66 0.05 2.29
C ASN A 141 4.21 -1.13 1.55
N LEU A 142 5.21 -0.88 0.69
CA LEU A 142 5.85 -1.93 -0.11
C LEU A 142 6.62 -2.95 0.74
N LEU A 143 7.00 -2.57 1.96
CA LEU A 143 7.74 -3.47 2.84
C LEU A 143 6.92 -4.37 3.78
N GLN A 144 5.72 -3.94 4.14
CA GLN A 144 4.89 -4.77 5.03
C GLN A 144 4.17 -5.86 4.22
N LEU A 145 4.22 -5.74 2.89
CA LEU A 145 3.58 -6.73 2.04
C LEU A 145 4.44 -7.97 2.02
N PHE A 146 5.64 -7.84 2.58
CA PHE A 146 6.55 -8.97 2.61
C PHE A 146 7.16 -9.11 3.99
N ASP A 147 6.40 -8.65 4.96
CA ASP A 147 6.77 -8.73 6.35
C ASP A 147 8.20 -8.30 6.65
N ILE A 148 8.64 -7.16 6.14
CA ILE A 148 10.01 -6.74 6.42
C ILE A 148 10.12 -5.48 7.28
N PRO A 149 10.74 -5.63 8.44
CA PRO A 149 10.95 -4.56 9.40
C PRO A 149 11.75 -3.36 8.87
N GLN A 150 11.21 -2.18 9.10
CA GLN A 150 11.83 -0.94 8.67
C GLN A 150 12.06 -0.04 9.88
N ILE A 151 13.32 0.29 10.20
CA ILE A 151 13.61 1.21 11.32
C ILE A 151 14.08 2.55 10.76
N ALA A 152 13.50 3.65 11.25
CA ALA A 152 13.85 4.94 10.72
C ALA A 152 14.63 5.74 11.70
N TYR A 153 15.05 6.94 11.29
CA TYR A 153 15.87 7.78 12.18
C TYR A 153 15.55 9.25 12.03
N SER A 154 14.84 9.63 10.99
CA SER A 154 14.58 11.05 10.86
C SER A 154 13.14 11.32 10.51
N ALA A 155 12.42 10.24 10.21
CA ALA A 155 11.02 10.31 9.82
C ALA A 155 10.13 10.43 11.05
N THR A 156 9.77 11.67 11.40
CA THR A 156 8.95 11.91 12.57
C THR A 156 7.44 12.08 12.36
N SER A 157 6.98 12.21 11.12
CA SER A 157 5.55 12.42 10.89
C SER A 157 4.65 11.66 11.87
N ILE A 158 3.48 12.22 12.15
CA ILE A 158 2.52 11.65 13.09
C ILE A 158 1.67 10.46 12.63
N ASP A 159 1.68 10.17 11.34
CA ASP A 159 0.93 9.04 10.84
C ASP A 159 1.60 7.70 11.20
N LEU A 160 2.91 7.63 11.03
CA LEU A 160 3.66 6.41 11.31
C LEU A 160 3.41 5.79 12.68
N SER A 161 2.48 6.39 13.44
CA SER A 161 2.13 5.87 14.76
C SER A 161 0.90 4.98 14.68
N ASP A 162 0.29 4.94 13.50
CA ASP A 162 -0.89 4.09 13.28
C ASP A 162 -0.47 2.73 12.75
N LYS A 163 -0.29 1.78 13.65
CA LYS A 163 0.10 0.43 13.25
C LYS A 163 -0.96 -0.29 12.41
N THR A 164 -2.23 0.00 12.63
CA THR A 164 -3.27 -0.65 11.85
C THR A 164 -3.02 -0.31 10.38
N LEU A 165 -2.03 0.53 10.14
CA LEU A 165 -1.70 0.98 8.80
C LEU A 165 -0.21 0.84 8.43
N TYR A 166 0.65 1.08 9.43
CA TYR A 166 2.10 1.01 9.28
C TYR A 166 2.62 0.09 10.39
N LYS A 167 2.16 -1.16 10.36
CA LYS A 167 2.56 -2.10 11.40
C LYS A 167 4.05 -2.32 11.47
N TYR A 168 4.66 -2.60 10.31
CA TYR A 168 6.08 -2.87 10.25
C TYR A 168 7.06 -1.73 10.34
N PHE A 169 6.59 -0.55 10.74
CA PHE A 169 7.44 0.62 10.86
C PHE A 169 7.86 0.82 12.32
N LEU A 170 8.94 1.56 12.53
CA LEU A 170 9.45 1.89 13.86
C LEU A 170 10.69 2.77 13.65
N ARG A 171 10.92 3.70 14.58
CA ARG A 171 12.01 4.66 14.48
C ARG A 171 12.68 4.89 15.83
N VAL A 172 13.83 5.53 15.81
CA VAL A 172 14.54 5.80 17.05
C VAL A 172 14.31 7.27 17.42
N VAL A 173 13.37 7.93 16.74
CA VAL A 173 13.06 9.34 16.99
C VAL A 173 11.60 9.59 17.37
N PRO A 174 11.38 10.48 18.35
CA PRO A 174 10.04 10.82 18.83
C PRO A 174 9.26 11.34 17.68
N SER A 175 7.96 11.15 17.72
CA SER A 175 7.12 11.64 16.66
C SER A 175 7.02 13.13 16.86
N ASP A 176 6.25 13.77 16.01
CA ASP A 176 6.07 15.19 16.11
C ASP A 176 4.98 15.44 17.12
N THR A 177 4.24 14.42 17.52
CA THR A 177 3.25 14.66 18.53
C THR A 177 3.99 15.33 19.70
N LEU A 178 5.08 14.72 20.14
CA LEU A 178 5.87 15.27 21.26
C LEU A 178 6.49 16.66 20.95
N GLN A 179 6.27 17.17 19.76
CA GLN A 179 6.80 18.49 19.44
C GLN A 179 5.79 19.47 20.01
N ALA A 180 4.54 19.34 19.57
CA ALA A 180 3.49 20.22 20.06
C ALA A 180 3.55 20.14 21.57
N ARG A 181 3.48 18.93 22.10
CA ARG A 181 3.52 18.77 23.55
C ARG A 181 4.56 19.69 24.17
N ALA A 182 5.80 19.57 23.72
CA ALA A 182 6.88 20.37 24.26
C ALA A 182 6.77 21.86 23.96
N MET A 183 6.16 22.20 22.83
CA MET A 183 6.02 23.62 22.48
C MET A 183 4.99 24.21 23.43
N LEU A 184 3.88 23.52 23.59
CA LEU A 184 2.83 23.96 24.50
C LEU A 184 3.44 24.10 25.87
N ASP A 185 4.01 23.02 26.39
CA ASP A 185 4.66 23.04 27.71
C ASP A 185 5.50 24.30 27.89
N ILE A 186 6.01 24.86 26.79
CA ILE A 186 6.81 26.07 26.84
C ILE A 186 5.84 27.19 27.09
N VAL A 187 4.91 27.39 26.16
CA VAL A 187 3.90 28.42 26.34
C VAL A 187 3.32 28.34 27.77
N LYS A 188 3.26 27.14 28.34
CA LYS A 188 2.74 26.99 29.69
C LYS A 188 3.61 27.74 30.71
N ARG A 189 4.90 27.42 30.71
CA ARG A 189 5.83 28.02 31.67
C ARG A 189 5.73 29.53 31.71
N TYR A 190 5.45 30.15 30.57
CA TYR A 190 5.38 31.60 30.50
C TYR A 190 3.96 32.18 30.67
N ASN A 191 3.11 31.40 31.34
CA ASN A 191 1.73 31.78 31.63
C ASN A 191 0.92 32.51 30.54
N TRP A 192 1.42 32.56 29.29
CA TRP A 192 0.69 33.24 28.22
C TRP A 192 -0.68 32.58 28.02
N THR A 193 -1.76 33.33 28.18
CA THR A 193 -3.10 32.77 28.01
C THR A 193 -3.75 33.18 26.70
N TYR A 194 -2.93 33.51 25.69
CA TYR A 194 -3.48 33.92 24.40
C TYR A 194 -2.37 33.96 23.33
N VAL A 195 -2.45 33.03 22.38
CA VAL A 195 -1.44 32.95 21.33
C VAL A 195 -2.04 32.92 19.93
N SER A 196 -1.15 32.91 18.95
CA SER A 196 -1.51 32.86 17.54
C SER A 196 -1.00 31.52 17.00
N ALA A 197 -1.46 31.12 15.82
CA ALA A 197 -1.04 29.85 15.24
C ALA A 197 -0.89 29.87 13.72
N VAL A 198 0.31 29.51 13.26
CA VAL A 198 0.64 29.47 11.82
C VAL A 198 1.31 28.16 11.44
N HIS A 199 0.81 27.49 10.40
CA HIS A 199 1.41 26.22 9.97
C HIS A 199 1.50 26.04 8.45
N THR A 200 2.54 25.32 8.01
CA THR A 200 2.78 25.07 6.58
C THR A 200 1.92 23.93 6.07
N GLU A 201 1.62 23.93 4.77
CA GLU A 201 0.80 22.90 4.16
C GLU A 201 1.64 21.64 4.05
N GLY A 202 0.98 20.48 4.18
CA GLY A 202 1.68 19.21 4.09
C GLY A 202 1.50 18.36 5.34
N ASN A 203 1.63 17.04 5.17
CA ASN A 203 1.46 16.09 6.29
C ASN A 203 2.31 16.45 7.51
N TYR A 204 3.19 17.42 7.33
CA TYR A 204 4.05 17.84 8.42
C TYR A 204 3.32 18.90 9.22
N GLY A 205 3.24 20.10 8.67
CA GLY A 205 2.56 21.19 9.35
C GLY A 205 1.16 20.88 9.86
N GLU A 206 0.22 20.51 8.98
CA GLU A 206 -1.14 20.23 9.44
C GLU A 206 -1.21 19.32 10.68
N SER A 207 -0.75 18.08 10.55
CA SER A 207 -0.82 17.15 11.68
C SER A 207 -0.23 17.69 12.98
N GLY A 208 0.89 18.41 12.88
CA GLY A 208 1.52 18.96 14.07
C GLY A 208 0.62 19.97 14.75
N MET A 209 0.19 20.96 13.99
CA MET A 209 -0.71 22.01 14.50
C MET A 209 -1.91 21.33 15.14
N ASP A 210 -2.78 20.74 14.32
CA ASP A 210 -3.96 20.06 14.84
C ASP A 210 -3.63 19.42 16.18
N ALA A 211 -2.48 18.74 16.22
CA ALA A 211 -2.01 18.06 17.42
C ALA A 211 -1.86 19.03 18.58
N PHE A 212 -1.36 20.21 18.28
CA PHE A 212 -1.20 21.24 19.29
C PHE A 212 -2.58 21.78 19.67
N LYS A 213 -3.35 22.19 18.67
CA LYS A 213 -4.69 22.72 18.88
C LYS A 213 -5.49 21.77 19.76
N GLU A 214 -5.23 20.48 19.58
CA GLU A 214 -5.92 19.45 20.36
C GLU A 214 -5.51 19.62 21.84
N LEU A 215 -4.26 20.00 22.05
CA LEU A 215 -3.73 20.20 23.39
C LEU A 215 -4.12 21.57 23.93
N ALA A 216 -4.67 22.42 23.06
CA ALA A 216 -5.09 23.75 23.45
C ALA A 216 -6.30 23.71 24.37
N ALA A 217 -7.44 23.31 23.81
CA ALA A 217 -8.68 23.21 24.55
C ALA A 217 -8.47 22.43 25.85
N GLN A 218 -8.25 21.13 25.76
CA GLN A 218 -8.05 20.29 26.94
C GLN A 218 -7.26 20.96 28.07
N GLU A 219 -6.23 21.73 27.70
CA GLU A 219 -5.37 22.42 28.68
C GLU A 219 -5.93 23.78 29.16
N GLY A 220 -6.67 24.45 28.27
CA GLY A 220 -7.25 25.73 28.61
C GLY A 220 -6.56 26.90 27.95
N LEU A 221 -6.47 26.90 26.63
CA LEU A 221 -5.82 27.99 25.91
C LEU A 221 -6.67 28.42 24.72
N CYS A 222 -6.56 29.68 24.33
CA CYS A 222 -7.32 30.20 23.19
C CYS A 222 -6.39 30.66 22.08
N ILE A 223 -6.77 30.36 20.83
CA ILE A 223 -5.99 30.74 19.66
C ILE A 223 -6.60 31.95 18.96
N ALA A 224 -5.93 33.09 19.06
CA ALA A 224 -6.43 34.30 18.43
C ALA A 224 -6.68 34.07 16.94
N HIS A 225 -5.63 34.24 16.16
CA HIS A 225 -5.75 34.03 14.74
C HIS A 225 -5.08 32.71 14.35
N SER A 226 -5.19 32.35 13.08
CA SER A 226 -4.61 31.12 12.57
C SER A 226 -4.68 31.14 11.04
N ASP A 227 -3.62 30.64 10.40
CA ASP A 227 -3.55 30.61 8.94
C ASP A 227 -2.54 29.52 8.53
N LYS A 228 -2.42 29.26 7.24
CA LYS A 228 -1.49 28.27 6.71
C LYS A 228 -0.93 28.80 5.39
N ILE A 229 0.06 28.11 4.83
CA ILE A 229 0.63 28.54 3.56
C ILE A 229 1.77 27.68 3.07
N TYR A 230 1.85 27.50 1.75
CA TYR A 230 2.92 26.72 1.17
C TYR A 230 4.20 27.53 1.33
N SER A 231 5.35 26.87 1.32
CA SER A 231 6.62 27.55 1.47
C SER A 231 7.10 28.26 0.19
N ASN A 232 6.38 28.08 -0.90
CA ASN A 232 6.76 28.72 -2.16
C ASN A 232 5.81 29.83 -2.57
N ALA A 233 4.64 29.90 -1.93
CA ALA A 233 3.64 30.92 -2.26
C ALA A 233 4.31 32.27 -2.45
N GLY A 234 3.71 33.11 -3.28
CA GLY A 234 4.28 34.41 -3.57
C GLY A 234 4.49 35.31 -2.36
N GLU A 235 5.34 36.33 -2.54
CA GLU A 235 5.60 37.28 -1.46
C GLU A 235 4.29 37.92 -1.06
N LYS A 236 3.37 38.04 -2.03
CA LYS A 236 2.05 38.62 -1.78
C LYS A 236 1.35 37.83 -0.68
N SER A 237 1.11 36.55 -0.92
CA SER A 237 0.45 35.70 0.07
C SER A 237 1.09 35.92 1.44
N PHE A 238 2.42 36.03 1.48
CA PHE A 238 3.14 36.25 2.72
C PHE A 238 2.65 37.53 3.39
N ASP A 239 2.82 38.67 2.69
CA ASP A 239 2.37 39.98 3.21
C ASP A 239 0.97 39.91 3.79
N ARG A 240 0.08 39.26 3.05
CA ARG A 240 -1.30 39.10 3.44
C ARG A 240 -1.35 38.37 4.77
N LEU A 241 -0.43 37.42 4.96
CA LEU A 241 -0.38 36.63 6.19
C LEU A 241 0.04 37.45 7.38
N LEU A 242 1.05 38.30 7.15
CA LEU A 242 1.54 39.16 8.21
C LEU A 242 0.39 40.07 8.60
N ARG A 243 -0.31 40.58 7.59
CA ARG A 243 -1.43 41.49 7.81
C ARG A 243 -2.43 40.87 8.76
N LYS A 244 -3.05 39.79 8.32
CA LYS A 244 -4.03 39.07 9.15
C LYS A 244 -3.51 38.83 10.57
N LEU A 245 -2.20 38.69 10.70
CA LEU A 245 -1.58 38.45 12.00
C LEU A 245 -1.45 39.72 12.85
N ARG A 246 -0.94 40.79 12.25
CA ARG A 246 -0.77 42.06 12.97
C ARG A 246 -2.11 42.58 13.48
N GLU A 247 -3.10 42.61 12.58
CA GLU A 247 -4.42 43.08 12.92
C GLU A 247 -4.90 42.57 14.28
N ARG A 248 -4.35 41.46 14.72
CA ARG A 248 -4.75 40.90 16.02
C ARG A 248 -3.72 41.19 17.12
N LEU A 249 -3.86 42.34 17.75
CA LEU A 249 -2.97 42.76 18.83
C LEU A 249 -3.71 43.75 19.72
N PRO A 250 -3.16 44.08 20.90
CA PRO A 250 -1.90 43.59 21.45
C PRO A 250 -2.09 42.29 22.23
N LYS A 251 -3.00 41.44 21.75
CA LYS A 251 -3.27 40.17 22.41
C LYS A 251 -2.58 39.01 21.69
N ALA A 252 -2.85 38.89 20.39
CA ALA A 252 -2.26 37.83 19.58
C ALA A 252 -0.81 38.12 19.27
N ARG A 253 0.03 38.13 20.29
CA ARG A 253 1.44 38.42 20.09
C ARG A 253 2.31 37.18 19.92
N VAL A 254 2.10 36.18 20.76
CA VAL A 254 2.88 34.95 20.67
C VAL A 254 2.44 34.09 19.48
N VAL A 255 3.31 33.96 18.48
CA VAL A 255 2.98 33.15 17.31
C VAL A 255 3.58 31.76 17.35
N VAL A 256 2.70 30.78 17.51
CA VAL A 256 3.11 29.38 17.55
C VAL A 256 3.32 28.91 16.10
N CYS A 257 4.59 28.78 15.69
CA CYS A 257 4.86 28.38 14.31
C CYS A 257 5.31 26.96 14.05
N PHE A 258 4.36 26.07 13.79
CA PHE A 258 4.70 24.70 13.46
C PHE A 258 4.97 24.91 11.98
N CYS A 259 6.13 25.48 11.69
CA CYS A 259 6.43 25.80 10.32
C CYS A 259 7.68 25.22 9.71
N GLU A 260 7.62 25.05 8.38
CA GLU A 260 8.76 24.54 7.66
C GLU A 260 9.73 25.70 7.68
N GLY A 261 11.01 25.40 7.60
CA GLY A 261 12.01 26.46 7.62
C GLY A 261 11.76 27.63 6.67
N MET A 262 11.57 27.33 5.39
CA MET A 262 11.34 28.37 4.40
C MET A 262 10.10 29.21 4.66
N THR A 263 9.12 28.66 5.38
CA THR A 263 7.90 29.41 5.71
C THR A 263 8.26 30.52 6.70
N VAL A 264 8.98 30.16 7.75
CA VAL A 264 9.40 31.14 8.74
C VAL A 264 10.21 32.23 8.02
N ARG A 265 11.26 31.81 7.31
CA ARG A 265 12.11 32.74 6.57
C ARG A 265 11.22 33.71 5.85
N GLY A 266 10.21 33.14 5.19
CA GLY A 266 9.25 33.92 4.43
C GLY A 266 8.53 34.97 5.25
N LEU A 267 8.22 34.64 6.49
CA LEU A 267 7.53 35.57 7.38
C LEU A 267 8.45 36.75 7.71
N LEU A 268 9.69 36.44 8.08
CA LEU A 268 10.67 37.45 8.41
C LEU A 268 10.81 38.45 7.25
N SER A 269 10.73 37.95 6.02
CA SER A 269 10.86 38.83 4.87
C SER A 269 9.65 39.76 4.87
N ALA A 270 8.47 39.20 5.10
CA ALA A 270 7.22 39.97 5.12
C ALA A 270 7.30 41.12 6.12
N MET A 271 8.13 40.95 7.14
CA MET A 271 8.30 41.97 8.15
C MET A 271 9.30 43.04 7.68
N ARG A 272 10.37 42.61 7.02
CA ARG A 272 11.41 43.50 6.49
C ARG A 272 10.81 44.38 5.40
N ARG A 273 9.89 43.81 4.63
CA ARG A 273 9.23 44.54 3.55
C ARG A 273 8.33 45.60 4.16
N LEU A 274 7.47 45.19 5.09
CA LEU A 274 6.56 46.11 5.76
C LEU A 274 7.27 46.99 6.78
N GLY A 275 8.60 46.93 6.77
CA GLY A 275 9.39 47.76 7.67
C GLY A 275 9.20 47.60 9.17
N VAL A 276 8.25 46.76 9.57
CA VAL A 276 7.99 46.52 10.98
C VAL A 276 8.99 45.49 11.51
N VAL A 277 9.38 45.66 12.77
CA VAL A 277 10.34 44.76 13.38
C VAL A 277 10.07 44.56 14.86
N GLY A 278 9.92 43.31 15.26
CA GLY A 278 9.68 43.00 16.65
C GLY A 278 8.29 43.37 17.14
N GLU A 279 7.29 42.62 16.69
CA GLU A 279 5.92 42.84 17.12
C GLU A 279 5.40 41.54 17.69
N PHE A 280 6.17 40.46 17.51
CA PHE A 280 5.77 39.14 18.02
C PHE A 280 6.93 38.30 18.55
N SER A 281 6.60 37.29 19.35
CA SER A 281 7.58 36.35 19.88
C SER A 281 7.33 35.02 19.18
N LEU A 282 8.23 34.64 18.30
CA LEU A 282 8.04 33.38 17.61
C LEU A 282 8.38 32.17 18.47
N ILE A 283 7.77 31.06 18.11
CA ILE A 283 8.01 29.78 18.75
C ILE A 283 7.81 28.79 17.61
N GLY A 284 8.91 28.38 16.99
CA GLY A 284 8.80 27.47 15.87
C GLY A 284 9.20 26.03 16.12
N SER A 285 8.63 25.12 15.33
CA SER A 285 8.90 23.69 15.42
C SER A 285 10.30 23.47 14.91
N ASP A 286 10.74 22.21 14.87
CA ASP A 286 12.09 21.90 14.40
C ASP A 286 12.35 22.28 12.95
N GLY A 287 11.29 22.40 12.15
CA GLY A 287 11.50 22.80 10.77
C GLY A 287 12.44 23.99 10.75
N TRP A 288 12.35 24.81 11.79
CA TRP A 288 13.19 25.99 11.93
C TRP A 288 14.44 25.59 12.68
N ALA A 289 14.27 25.02 13.88
CA ALA A 289 15.39 24.59 14.70
C ALA A 289 16.44 25.68 14.76
N ASP A 290 17.70 25.31 14.54
CA ASP A 290 18.81 26.26 14.58
C ASP A 290 19.44 26.48 13.21
N ARG A 291 18.67 26.20 12.16
CA ARG A 291 19.09 26.37 10.77
C ARG A 291 19.61 27.79 10.53
N ASP A 292 20.87 27.90 10.12
CA ASP A 292 21.45 29.21 9.84
C ASP A 292 20.91 29.77 8.50
N GLU A 293 20.47 28.89 7.61
CA GLU A 293 19.99 29.35 6.31
C GLU A 293 18.55 29.82 6.34
N VAL A 294 17.96 29.90 7.53
CA VAL A 294 16.59 30.36 7.62
C VAL A 294 16.50 31.82 7.99
N ILE A 295 17.44 32.29 8.83
CA ILE A 295 17.46 33.69 9.27
C ILE A 295 18.56 34.61 8.67
N GLU A 296 19.42 34.06 7.81
CA GLU A 296 20.48 34.83 7.20
C GLU A 296 19.91 36.07 6.53
N GLY A 297 20.40 37.22 6.99
CA GLY A 297 19.96 38.50 6.46
C GLY A 297 18.81 39.09 7.25
N TYR A 298 17.97 38.23 7.83
CA TYR A 298 16.84 38.69 8.60
C TYR A 298 17.11 38.51 10.09
N GLU A 299 18.40 38.38 10.43
CA GLU A 299 18.81 38.18 11.80
C GLU A 299 18.23 39.20 12.75
N VAL A 300 17.35 40.07 12.26
CA VAL A 300 16.76 41.09 13.11
C VAL A 300 15.31 40.81 13.49
N GLU A 301 14.44 40.71 12.50
CA GLU A 301 13.03 40.45 12.78
C GLU A 301 12.84 39.04 13.29
N ALA A 302 13.95 38.32 13.48
CA ALA A 302 13.89 36.95 13.94
C ALA A 302 14.28 36.86 15.40
N ASN A 303 15.36 37.54 15.74
CA ASN A 303 15.88 37.54 17.10
C ASN A 303 14.77 37.52 18.15
N GLY A 304 14.95 36.66 19.14
CA GLY A 304 14.00 36.58 20.21
C GLY A 304 13.19 35.31 20.21
N GLY A 305 12.97 34.75 19.02
CA GLY A 305 12.20 33.53 18.91
C GLY A 305 12.78 32.31 19.60
N ILE A 306 11.99 31.24 19.67
CA ILE A 306 12.45 30.01 20.32
C ILE A 306 12.14 28.82 19.42
N THR A 307 13.15 27.96 19.21
CA THR A 307 12.94 26.79 18.38
C THR A 307 13.15 25.52 19.18
N ILE A 308 12.45 24.45 18.79
CA ILE A 308 12.53 23.12 19.43
C ILE A 308 13.46 22.37 18.50
N LYS A 309 14.55 21.79 18.96
CA LYS A 309 15.42 21.05 18.02
C LYS A 309 15.81 19.69 18.56
N LEU A 310 15.87 18.67 17.69
CA LEU A 310 16.16 17.30 18.14
C LEU A 310 17.54 17.09 18.77
N GLN A 311 17.54 16.58 20.00
CA GLN A 311 18.81 16.39 20.70
C GLN A 311 19.59 15.23 20.16
N SER A 312 20.58 15.51 19.32
CA SER A 312 21.44 14.46 18.75
C SER A 312 22.89 14.91 18.96
N PRO A 313 23.55 14.33 19.97
CA PRO A 313 24.94 14.66 20.30
C PRO A 313 25.91 14.30 19.20
N GLU A 314 27.12 14.83 19.29
CA GLU A 314 28.13 14.53 18.30
C GLU A 314 28.59 13.07 18.51
N VAL A 315 29.53 12.61 17.69
CA VAL A 315 30.06 11.26 17.81
C VAL A 315 31.48 11.26 17.31
N ARG A 316 32.44 11.08 18.23
CA ARG A 316 33.85 11.12 17.82
C ARG A 316 34.28 9.89 17.04
N SER A 317 33.97 8.72 17.57
CA SER A 317 34.34 7.48 16.92
C SER A 317 34.22 7.53 15.39
N PHE A 318 33.25 8.28 14.87
CA PHE A 318 33.02 8.39 13.43
C PHE A 318 33.94 9.36 12.69
N ASP A 319 34.42 10.39 13.37
CA ASP A 319 35.30 11.36 12.73
C ASP A 319 36.68 10.76 12.48
N ASP A 320 37.19 10.10 13.52
CA ASP A 320 38.49 9.44 13.46
C ASP A 320 38.49 8.46 12.29
N TYR A 321 37.33 7.88 12.00
CA TYR A 321 37.20 6.94 10.89
C TYR A 321 37.02 7.65 9.56
N PHE A 322 36.03 8.52 9.45
CA PHE A 322 35.76 9.20 8.19
C PHE A 322 36.93 10.00 7.61
N LEU A 323 37.42 10.96 8.38
CA LEU A 323 38.50 11.82 7.92
C LEU A 323 39.74 11.12 7.38
N LYS A 324 40.04 9.92 7.89
CA LYS A 324 41.21 9.16 7.45
C LYS A 324 40.90 8.26 6.25
N LEU A 325 39.80 8.54 5.56
CA LEU A 325 39.40 7.77 4.39
C LEU A 325 40.24 8.14 3.18
N ARG A 326 40.90 7.16 2.59
CA ARG A 326 41.72 7.43 1.43
C ARG A 326 41.05 6.93 0.16
N LEU A 327 41.42 7.52 -0.97
CA LEU A 327 40.84 7.17 -2.27
C LEU A 327 41.16 5.77 -2.80
N ASP A 328 42.28 5.18 -2.37
CA ASP A 328 42.65 3.83 -2.84
C ASP A 328 42.36 2.75 -1.82
N THR A 329 41.98 3.13 -0.61
CA THR A 329 41.68 2.13 0.41
C THR A 329 40.17 1.85 0.53
N ASN A 330 39.35 2.85 0.22
CA ASN A 330 37.90 2.70 0.30
C ASN A 330 37.41 1.87 -0.89
N THR A 331 37.24 0.58 -0.63
CA THR A 331 36.82 -0.34 -1.66
C THR A 331 35.35 -0.72 -1.58
N ARG A 332 34.71 -0.48 -0.44
CA ARG A 332 33.29 -0.86 -0.35
C ARG A 332 32.33 0.27 -0.73
N ASN A 333 32.84 1.49 -0.85
CA ASN A 333 31.97 2.59 -1.22
C ASN A 333 32.13 2.97 -2.70
N PRO A 334 31.51 2.19 -3.59
CA PRO A 334 31.58 2.44 -5.03
C PRO A 334 31.41 3.89 -5.41
N TRP A 335 30.81 4.67 -4.53
CA TRP A 335 30.59 6.06 -4.82
C TRP A 335 31.79 6.97 -4.56
N PHE A 336 32.45 6.72 -3.44
CA PHE A 336 33.57 7.55 -3.03
C PHE A 336 34.19 8.34 -4.18
N PRO A 337 34.81 7.65 -5.16
CA PRO A 337 35.42 8.35 -6.28
C PRO A 337 34.60 9.53 -6.80
N GLU A 338 33.38 9.27 -7.28
CA GLU A 338 32.53 10.35 -7.76
C GLU A 338 32.50 11.45 -6.73
N PHE A 339 32.17 11.06 -5.51
CA PHE A 339 32.11 11.99 -4.41
C PHE A 339 33.39 12.77 -4.20
N TRP A 340 34.51 12.07 -4.14
CA TRP A 340 35.81 12.69 -3.93
C TRP A 340 36.02 13.84 -4.89
N GLN A 341 35.59 13.66 -6.13
CA GLN A 341 35.76 14.71 -7.14
C GLN A 341 34.93 15.93 -6.81
N HIS A 342 33.61 15.76 -6.70
CA HIS A 342 32.75 16.88 -6.39
C HIS A 342 33.14 17.59 -5.10
N ARG A 343 33.64 16.82 -4.13
CA ARG A 343 34.04 17.37 -2.83
C ARG A 343 35.26 18.29 -2.83
N PHE A 344 36.12 18.11 -3.83
CA PHE A 344 37.33 18.91 -3.97
C PHE A 344 37.46 19.55 -5.33
N GLN A 345 36.39 19.43 -6.12
CA GLN A 345 36.34 20.01 -7.46
C GLN A 345 37.60 19.79 -8.26
N CYS A 346 37.83 18.54 -8.66
CA CYS A 346 39.00 18.12 -9.43
C CYS A 346 38.61 16.79 -10.06
N ARG A 347 39.31 16.40 -11.13
CA ARG A 347 39.00 15.15 -11.83
C ARG A 347 40.14 14.16 -11.91
N LEU A 348 39.81 12.89 -12.10
CA LEU A 348 40.83 11.87 -12.20
C LEU A 348 41.15 11.54 -13.66
N PRO A 349 42.45 11.41 -14.01
CA PRO A 349 42.91 11.09 -15.37
C PRO A 349 42.24 9.83 -15.90
N GLY A 350 41.43 9.96 -16.94
CA GLY A 350 40.75 8.81 -17.52
C GLY A 350 40.21 7.76 -16.56
N HIS A 351 39.19 8.15 -15.78
CA HIS A 351 38.57 7.24 -14.82
C HIS A 351 37.08 7.13 -15.15
N LEU A 352 36.59 5.89 -15.18
CA LEU A 352 35.19 5.60 -15.50
C LEU A 352 34.22 6.52 -14.73
N LEU A 353 34.73 7.18 -13.71
CA LEU A 353 33.89 8.06 -12.90
C LEU A 353 34.39 9.50 -12.90
N GLU A 354 34.85 9.96 -14.06
CA GLU A 354 35.38 11.31 -14.22
C GLU A 354 34.26 12.36 -14.40
N ASN A 355 34.46 13.56 -13.85
CA ASN A 355 33.47 14.63 -13.96
C ASN A 355 33.90 15.65 -15.02
N PRO A 356 32.96 16.15 -15.83
CA PRO A 356 33.31 17.13 -16.87
C PRO A 356 33.29 18.59 -16.41
N ASN A 357 32.96 18.79 -15.13
CA ASN A 357 32.86 20.14 -14.58
C ASN A 357 34.14 20.70 -13.97
N PHE A 358 35.20 19.91 -13.91
CA PHE A 358 36.45 20.38 -13.31
C PHE A 358 37.62 20.33 -14.28
N LYS A 359 38.67 21.11 -13.98
CA LYS A 359 39.84 21.15 -14.83
C LYS A 359 41.12 20.66 -14.16
N LYS A 360 41.32 21.03 -12.89
CA LYS A 360 42.51 20.60 -12.17
C LYS A 360 42.56 19.11 -11.95
N VAL A 361 43.55 18.68 -11.19
CA VAL A 361 43.72 17.25 -10.90
C VAL A 361 43.68 17.02 -9.39
N CYS A 362 43.12 15.89 -8.99
CA CYS A 362 43.07 15.57 -7.58
C CYS A 362 44.40 14.92 -7.22
N THR A 363 45.13 15.56 -6.32
CA THR A 363 46.40 15.00 -5.92
C THR A 363 46.16 13.76 -5.07
N GLY A 364 44.89 13.45 -4.80
CA GLY A 364 44.56 12.31 -3.97
C GLY A 364 45.19 12.50 -2.61
N ASN A 365 45.41 13.77 -2.26
CA ASN A 365 46.02 14.14 -0.97
C ASN A 365 45.17 15.10 -0.14
N GLU A 366 44.32 15.87 -0.82
CA GLU A 366 43.45 16.84 -0.15
C GLU A 366 42.89 16.25 1.14
N SER A 367 42.83 17.06 2.19
CA SER A 367 42.34 16.58 3.47
C SER A 367 40.87 16.88 3.71
N LEU A 368 40.09 15.81 3.90
CA LEU A 368 38.65 15.91 4.12
C LEU A 368 38.31 16.75 5.36
N GLU A 369 39.31 17.22 6.08
CA GLU A 369 39.03 18.01 7.26
C GLU A 369 38.56 19.42 6.92
N GLU A 370 39.01 19.95 5.79
CA GLU A 370 38.64 21.31 5.42
C GLU A 370 37.14 21.49 5.22
N ASN A 371 36.60 22.48 5.93
CA ASN A 371 35.18 22.78 5.84
C ASN A 371 34.34 21.54 6.17
N TYR A 372 34.84 20.69 7.07
CA TYR A 372 34.13 19.48 7.47
C TYR A 372 33.08 19.70 8.57
N VAL A 373 31.91 19.13 8.37
CA VAL A 373 30.82 19.25 9.32
C VAL A 373 30.21 17.88 9.46
N GLN A 374 30.04 17.42 10.69
CA GLN A 374 29.45 16.10 10.87
C GLN A 374 27.94 16.15 10.76
N ASP A 375 27.38 15.17 10.05
CA ASP A 375 25.94 15.03 9.88
C ASP A 375 25.24 15.30 11.21
N SER A 376 24.35 16.28 11.24
CA SER A 376 23.64 16.62 12.47
C SER A 376 22.82 15.46 13.07
N LYS A 377 22.37 14.55 12.20
CA LYS A 377 21.54 13.39 12.58
C LYS A 377 22.29 12.08 12.77
N MET A 378 23.61 12.11 12.64
CA MET A 378 24.47 10.92 12.78
C MET A 378 24.02 10.00 13.93
N GLY A 379 24.18 10.47 15.16
CA GLY A 379 23.80 9.69 16.31
C GLY A 379 22.60 8.79 16.06
N PHE A 380 21.53 9.39 15.54
CA PHE A 380 20.33 8.63 15.26
C PHE A 380 20.59 7.44 14.34
N VAL A 381 21.24 7.68 13.21
CA VAL A 381 21.56 6.60 12.25
C VAL A 381 22.23 5.43 12.94
N ILE A 382 23.45 5.67 13.44
CA ILE A 382 24.22 4.67 14.14
C ILE A 382 23.31 3.83 15.00
N ASN A 383 22.58 4.52 15.90
CA ASN A 383 21.61 3.90 16.80
C ASN A 383 20.49 3.11 16.14
N ALA A 384 19.93 3.62 15.05
CA ALA A 384 18.92 2.87 14.35
C ALA A 384 19.51 1.48 14.08
N ILE A 385 20.73 1.50 13.53
CA ILE A 385 21.48 0.30 13.20
C ILE A 385 21.66 -0.56 14.45
N TYR A 386 22.32 -0.01 15.46
CA TYR A 386 22.53 -0.75 16.70
C TYR A 386 21.22 -1.39 17.20
N ALA A 387 20.09 -0.71 17.00
CA ALA A 387 18.77 -1.23 17.41
C ALA A 387 18.36 -2.34 16.48
N MET A 388 19.05 -2.43 15.36
CA MET A 388 18.75 -3.45 14.39
C MET A 388 19.52 -4.71 14.77
N ALA A 389 20.65 -4.52 15.44
CA ALA A 389 21.46 -5.66 15.86
C ALA A 389 20.78 -6.28 17.09
N HIS A 390 20.51 -5.42 18.08
CA HIS A 390 19.86 -5.80 19.34
C HIS A 390 18.54 -6.54 19.13
N GLY A 391 17.90 -6.28 18.00
CA GLY A 391 16.68 -6.99 17.70
C GLY A 391 17.09 -8.42 17.47
N LEU A 392 18.11 -8.63 16.63
CA LEU A 392 18.60 -9.97 16.29
C LEU A 392 19.25 -10.65 17.49
N GLN A 393 20.11 -9.94 18.21
CA GLN A 393 20.78 -10.57 19.35
C GLN A 393 19.73 -11.24 20.18
N ASN A 394 18.75 -10.42 20.54
CA ASN A 394 17.63 -10.84 21.36
C ASN A 394 16.82 -11.97 20.69
N MET A 395 16.75 -12.01 19.38
CA MET A 395 16.03 -13.10 18.73
C MET A 395 16.83 -14.38 18.83
N HIS A 396 18.14 -14.24 18.73
CA HIS A 396 19.02 -15.39 18.79
C HIS A 396 18.87 -16.06 20.15
N HIS A 397 19.17 -15.31 21.20
CA HIS A 397 19.07 -15.84 22.56
C HIS A 397 17.83 -16.66 22.81
N ALA A 398 16.68 -16.18 22.32
CA ALA A 398 15.42 -16.89 22.52
C ALA A 398 15.19 -18.14 21.67
N LEU A 399 15.44 -18.05 20.36
CA LEU A 399 15.20 -19.18 19.46
C LEU A 399 16.38 -20.09 19.17
N CYS A 400 17.52 -19.80 19.77
CA CYS A 400 18.72 -20.62 19.56
C CYS A 400 19.47 -20.80 20.88
N PRO A 401 18.74 -21.10 21.97
CA PRO A 401 19.50 -21.26 23.21
C PRO A 401 20.65 -22.24 23.02
N GLY A 402 21.79 -21.93 23.62
CA GLY A 402 22.95 -22.79 23.52
C GLY A 402 23.68 -22.84 22.18
N HIS A 403 22.98 -22.57 21.09
CA HIS A 403 23.63 -22.58 19.78
C HIS A 403 24.65 -21.45 19.73
N VAL A 404 25.72 -21.63 18.96
CA VAL A 404 26.76 -20.60 18.87
C VAL A 404 26.52 -19.64 17.72
N GLY A 405 26.20 -20.18 16.56
CA GLY A 405 25.94 -19.36 15.38
C GLY A 405 24.45 -19.25 15.14
N LEU A 406 24.04 -19.35 13.89
CA LEU A 406 22.62 -19.28 13.56
C LEU A 406 22.04 -20.68 13.49
N CYS A 407 21.17 -20.99 14.43
CA CYS A 407 20.56 -22.30 14.46
C CYS A 407 19.51 -22.42 13.38
N ASP A 408 19.09 -23.63 13.09
CA ASP A 408 18.10 -23.86 12.05
C ASP A 408 16.90 -22.92 12.14
N ALA A 409 16.39 -22.70 13.35
CA ALA A 409 15.23 -21.85 13.55
C ALA A 409 15.30 -20.43 12.97
N MET A 410 16.51 -19.98 12.65
CA MET A 410 16.71 -18.64 12.08
C MET A 410 17.10 -18.71 10.61
N LYS A 411 17.14 -19.91 10.03
CA LYS A 411 17.47 -20.02 8.63
C LYS A 411 16.27 -20.56 7.85
N PRO A 412 15.53 -19.66 7.16
CA PRO A 412 15.78 -18.22 7.11
C PRO A 412 15.25 -17.49 8.34
N ILE A 413 15.41 -16.16 8.36
CA ILE A 413 14.95 -15.32 9.47
C ILE A 413 13.49 -14.88 9.33
N ASP A 414 12.62 -15.35 10.23
CA ASP A 414 11.22 -14.99 10.12
C ASP A 414 11.02 -13.52 10.41
N GLY A 415 10.44 -12.81 9.46
CA GLY A 415 10.20 -11.40 9.65
C GLY A 415 9.36 -11.13 10.89
N ARG A 416 8.08 -11.46 10.82
CA ARG A 416 7.19 -11.22 11.94
C ARG A 416 7.87 -11.30 13.31
N LYS A 417 8.55 -12.41 13.57
CA LYS A 417 9.20 -12.56 14.86
C LYS A 417 10.28 -11.50 15.11
N LEU A 418 11.12 -11.25 14.11
CA LEU A 418 12.18 -10.26 14.27
C LEU A 418 11.56 -8.95 14.70
N LEU A 419 10.30 -8.76 14.32
CA LEU A 419 9.61 -7.54 14.69
C LEU A 419 9.46 -7.45 16.21
N ASP A 420 8.79 -8.44 16.81
CA ASP A 420 8.58 -8.45 18.26
C ASP A 420 9.89 -8.20 18.99
N PHE A 421 10.85 -9.06 18.74
CA PHE A 421 12.15 -8.92 19.36
C PHE A 421 12.66 -7.50 19.29
N LEU A 422 12.52 -6.89 18.10
CA LEU A 422 12.96 -5.51 17.89
C LEU A 422 12.26 -4.61 18.87
N ILE A 423 10.94 -4.48 18.73
CA ILE A 423 10.16 -3.67 19.64
C ILE A 423 10.64 -3.88 21.10
N LYS A 424 10.41 -5.09 21.61
CA LYS A 424 10.81 -5.44 22.98
C LYS A 424 12.31 -5.32 23.22
N SER A 425 13.02 -4.63 22.34
CA SER A 425 14.45 -4.47 22.50
C SER A 425 14.70 -3.14 23.19
N SER A 426 15.76 -3.10 23.98
CA SER A 426 16.20 -1.93 24.74
C SER A 426 17.73 -1.91 24.77
N PHE A 427 18.35 -0.74 24.91
CA PHE A 427 19.81 -0.69 24.93
C PHE A 427 20.43 0.69 25.18
N VAL A 428 21.74 0.69 25.40
CA VAL A 428 22.48 1.93 25.62
C VAL A 428 22.86 2.57 24.29
N GLY A 429 22.50 3.83 24.12
CA GLY A 429 22.81 4.52 22.89
C GLY A 429 24.30 4.62 22.66
N VAL A 430 24.68 5.00 21.44
CA VAL A 430 26.09 5.13 21.08
C VAL A 430 26.76 6.30 21.79
N SER A 431 25.94 7.24 22.23
CA SER A 431 26.45 8.40 22.95
C SER A 431 26.04 8.36 24.43
N GLY A 432 25.44 7.25 24.85
CA GLY A 432 25.04 7.11 26.24
C GLY A 432 23.56 7.33 26.53
N GLU A 433 22.77 7.47 25.48
CA GLU A 433 21.36 7.69 25.65
C GLU A 433 20.62 6.37 25.91
N GLU A 434 19.37 6.47 26.35
CA GLU A 434 18.55 5.30 26.61
C GLU A 434 17.68 5.07 25.38
N VAL A 435 17.68 3.86 24.85
CA VAL A 435 16.85 3.58 23.68
C VAL A 435 15.87 2.43 23.84
N TRP A 436 14.61 2.71 23.53
CA TRP A 436 13.55 1.70 23.64
C TRP A 436 12.37 2.17 22.82
N PHE A 437 11.42 1.28 22.54
CA PHE A 437 10.25 1.64 21.74
C PHE A 437 8.98 1.32 22.51
N ASP A 438 7.93 2.11 22.30
CA ASP A 438 6.67 1.84 23.00
C ASP A 438 5.91 0.78 22.23
N GLU A 439 4.59 0.70 22.40
CA GLU A 439 3.81 -0.32 21.70
C GLU A 439 3.61 -0.05 20.22
N LYS A 440 3.82 1.19 19.78
CA LYS A 440 3.63 1.53 18.37
C LYS A 440 4.92 1.72 17.57
N GLY A 441 6.07 1.49 18.21
CA GLY A 441 7.34 1.69 17.51
C GLY A 441 7.84 3.14 17.58
N ASP A 442 7.41 3.86 18.61
CA ASP A 442 7.84 5.24 18.81
C ASP A 442 8.92 5.28 19.87
N ALA A 443 9.87 6.19 19.68
CA ALA A 443 10.98 6.32 20.61
C ALA A 443 10.69 7.48 21.52
N PRO A 444 11.30 7.49 22.71
CA PRO A 444 11.08 8.58 23.67
C PRO A 444 11.55 9.92 23.05
N GLY A 445 10.91 11.01 23.46
CA GLY A 445 11.27 12.33 22.97
C GLY A 445 12.36 13.00 23.76
N ARG A 446 13.21 13.77 23.10
CA ARG A 446 14.27 14.47 23.79
C ARG A 446 14.84 15.53 22.87
N TYR A 447 14.44 16.77 23.13
CA TYR A 447 14.90 17.89 22.32
C TYR A 447 15.76 18.91 23.08
N ASP A 448 16.12 19.98 22.39
CA ASP A 448 16.89 21.08 22.96
C ASP A 448 16.04 22.31 22.67
N ILE A 449 16.05 23.29 23.56
CA ILE A 449 15.25 24.48 23.28
C ILE A 449 16.19 25.59 22.84
N MET A 450 16.05 26.01 21.59
CA MET A 450 16.92 27.06 21.08
C MET A 450 16.27 28.44 21.20
N ASN A 451 17.13 29.41 21.46
CA ASN A 451 16.71 30.78 21.61
C ASN A 451 17.67 31.66 20.82
N LEU A 452 17.16 32.35 19.81
CA LEU A 452 18.01 33.24 19.01
C LEU A 452 18.22 34.59 19.72
N GLN A 453 19.45 34.86 20.15
CA GLN A 453 19.76 36.13 20.82
C GLN A 453 21.12 36.72 20.40
N TYR A 454 21.45 37.88 20.94
CA TYR A 454 22.72 38.56 20.63
C TYR A 454 23.70 38.17 21.73
N THR A 455 24.68 37.32 21.41
CA THR A 455 25.66 36.89 22.42
C THR A 455 26.39 38.09 22.99
N GLU A 456 26.97 37.93 24.17
CA GLU A 456 27.69 39.03 24.79
C GLU A 456 28.81 39.50 23.86
N ALA A 457 29.10 38.68 22.85
CA ALA A 457 30.15 39.00 21.88
C ALA A 457 29.70 40.09 20.89
N ASN A 458 29.47 39.68 19.64
CA ASN A 458 29.05 40.61 18.61
C ASN A 458 28.45 39.83 17.46
N ARG A 459 27.31 39.20 17.70
CA ARG A 459 26.66 38.42 16.67
C ARG A 459 25.37 37.82 17.20
N TYR A 460 24.39 37.66 16.30
CA TYR A 460 23.12 37.06 16.68
C TYR A 460 23.33 35.56 16.49
N ASP A 461 23.16 34.77 17.53
CA ASP A 461 23.36 33.34 17.39
C ASP A 461 22.31 32.57 18.19
N TYR A 462 22.12 31.31 17.83
CA TYR A 462 21.17 30.46 18.52
C TYR A 462 21.85 29.98 19.79
N VAL A 463 21.26 30.25 20.94
CA VAL A 463 21.85 29.81 22.20
C VAL A 463 21.02 28.70 22.87
N HIS A 464 21.70 27.62 23.25
CA HIS A 464 21.06 26.48 23.91
C HIS A 464 20.63 27.00 25.28
N VAL A 465 19.33 26.97 25.56
CA VAL A 465 18.84 27.47 26.84
C VAL A 465 18.11 26.40 27.68
N GLY A 466 17.35 25.53 27.02
CA GLY A 466 16.63 24.52 27.76
C GLY A 466 16.54 23.18 27.05
N THR A 467 16.05 22.18 27.80
CA THR A 467 15.87 20.80 27.32
C THR A 467 14.43 20.29 27.53
N TRP A 468 14.15 19.10 27.01
CA TRP A 468 12.84 18.47 27.14
C TRP A 468 12.99 16.96 27.20
N HIS A 469 13.18 16.43 28.41
CA HIS A 469 13.38 15.00 28.61
C HIS A 469 12.12 14.19 28.92
N GLU A 470 11.14 14.18 28.02
CA GLU A 470 9.90 13.42 28.20
C GLU A 470 8.89 14.02 29.17
N GLY A 471 8.37 15.20 28.86
CA GLY A 471 7.40 15.83 29.75
C GLY A 471 7.99 16.74 30.81
N VAL A 472 9.28 16.58 31.09
CA VAL A 472 9.97 17.40 32.09
C VAL A 472 10.67 18.60 31.43
N LEU A 473 10.05 19.78 31.49
CA LEU A 473 10.62 20.98 30.86
C LEU A 473 11.60 21.77 31.73
N ASN A 474 12.84 21.93 31.24
CA ASN A 474 13.89 22.68 31.94
C ASN A 474 14.42 23.85 31.09
N ILE A 475 14.65 24.99 31.74
CA ILE A 475 15.20 26.16 31.08
C ILE A 475 15.95 27.00 32.09
N ASP A 476 17.10 27.55 31.69
CA ASP A 476 17.88 28.41 32.56
C ASP A 476 17.30 29.81 32.38
N ASP A 477 16.27 30.12 33.17
CA ASP A 477 15.61 31.42 33.09
C ASP A 477 16.60 32.57 33.02
N TYR A 478 17.83 32.34 33.51
CA TYR A 478 18.85 33.37 33.50
C TYR A 478 19.56 33.47 32.15
N LYS A 479 19.20 32.58 31.23
CA LYS A 479 19.81 32.59 29.90
C LYS A 479 18.91 33.33 28.92
N ILE A 480 17.62 33.42 29.24
CA ILE A 480 16.68 34.12 28.37
C ILE A 480 16.39 35.56 28.81
N ARG B 4 7.75 -20.53 -12.37
CA ARG B 4 6.27 -20.58 -12.59
C ARG B 4 5.92 -19.98 -13.95
N SER B 5 5.48 -20.84 -14.86
CA SER B 5 5.14 -20.45 -16.23
C SER B 5 4.36 -19.15 -16.37
N VAL B 6 4.35 -18.58 -17.58
CA VAL B 6 3.62 -17.33 -17.84
C VAL B 6 3.13 -17.08 -19.26
N ALA B 7 1.83 -16.92 -19.41
CA ALA B 7 1.23 -16.69 -20.71
C ALA B 7 1.71 -15.35 -21.18
N ARG B 8 1.81 -15.17 -22.48
CA ARG B 8 2.21 -13.89 -23.01
C ARG B 8 2.03 -13.82 -24.50
N MET B 9 1.59 -12.66 -24.96
CA MET B 9 1.38 -12.40 -26.37
C MET B 9 2.09 -11.06 -26.56
N ASP B 10 2.61 -10.79 -27.74
CA ASP B 10 3.30 -9.51 -27.91
C ASP B 10 2.41 -8.42 -28.51
N GLY B 11 2.78 -7.16 -28.25
CA GLY B 11 2.03 -6.03 -28.77
C GLY B 11 2.69 -4.68 -28.52
N ASP B 12 2.04 -3.60 -28.96
CA ASP B 12 2.55 -2.24 -28.77
C ASP B 12 2.29 -1.77 -27.34
N VAL B 13 1.13 -2.14 -26.80
CA VAL B 13 0.73 -1.79 -25.43
C VAL B 13 0.41 -3.13 -24.78
N ILE B 14 1.09 -3.45 -23.69
CA ILE B 14 0.84 -4.73 -23.04
C ILE B 14 -0.09 -4.68 -21.83
N ILE B 15 -1.18 -5.46 -21.83
CA ILE B 15 -2.09 -5.48 -20.69
C ILE B 15 -1.79 -6.69 -19.80
N GLY B 16 -1.67 -6.45 -18.51
CA GLY B 16 -1.33 -7.55 -17.62
C GLY B 16 -2.58 -8.20 -17.11
N ALA B 17 -2.48 -9.45 -16.63
CA ALA B 17 -3.65 -10.13 -16.09
C ALA B 17 -3.31 -11.17 -15.03
N LEU B 18 -4.17 -11.27 -14.02
CA LEU B 18 -3.98 -12.20 -12.92
C LEU B 18 -5.10 -13.20 -12.73
N PHE B 19 -5.20 -14.20 -13.61
CA PHE B 19 -6.24 -15.22 -13.47
C PHE B 19 -5.78 -16.38 -12.59
N SER B 20 -6.74 -17.12 -12.04
CA SER B 20 -6.42 -18.24 -11.16
C SER B 20 -6.17 -19.54 -11.93
N VAL B 21 -4.98 -19.71 -12.50
CA VAL B 21 -4.72 -20.92 -13.29
C VAL B 21 -4.77 -22.20 -12.49
N HIS B 22 -4.13 -22.22 -11.35
CA HIS B 22 -4.18 -23.42 -10.53
C HIS B 22 -4.96 -23.10 -9.25
N HIS B 23 -5.12 -24.11 -8.38
CA HIS B 23 -5.79 -23.91 -7.10
C HIS B 23 -4.78 -23.33 -6.18
N GLN B 24 -5.21 -22.85 -5.03
CA GLN B 24 -4.25 -22.26 -4.13
C GLN B 24 -3.37 -23.31 -3.47
N PRO B 25 -2.29 -22.87 -2.83
CA PRO B 25 -1.38 -23.76 -2.15
C PRO B 25 -2.08 -24.33 -0.93
N PRO B 26 -1.84 -25.60 -0.60
CA PRO B 26 -2.50 -26.15 0.59
C PRO B 26 -2.07 -25.37 1.84
N ALA B 27 -2.45 -25.84 3.02
CA ALA B 27 -2.08 -25.14 4.24
C ALA B 27 -0.57 -24.94 4.47
N GLU B 28 0.17 -26.05 4.56
CA GLU B 28 1.62 -26.01 4.81
C GLU B 28 2.50 -25.68 3.60
N LYS B 29 1.91 -25.64 2.41
CA LYS B 29 2.65 -25.33 1.18
C LYS B 29 2.70 -23.82 0.90
N VAL B 30 2.11 -23.03 1.80
CA VAL B 30 2.06 -21.57 1.66
C VAL B 30 3.45 -20.91 1.66
N PRO B 31 4.40 -21.43 2.46
CA PRO B 31 5.75 -20.84 2.49
C PRO B 31 6.53 -20.94 1.18
N GLU B 32 6.66 -22.16 0.65
CA GLU B 32 7.40 -22.39 -0.60
C GLU B 32 6.56 -21.95 -1.82
N ARG B 33 5.31 -21.56 -1.56
CA ARG B 33 4.38 -21.07 -2.59
C ARG B 33 3.97 -22.00 -3.74
N LYS B 34 3.89 -23.29 -3.45
CA LYS B 34 3.51 -24.29 -4.45
C LYS B 34 1.98 -24.34 -4.51
N CYS B 35 1.41 -24.14 -5.69
CA CYS B 35 -0.05 -24.14 -5.87
C CYS B 35 -0.66 -25.53 -6.00
N GLY B 36 -1.98 -25.58 -6.23
CA GLY B 36 -2.67 -26.85 -6.35
C GLY B 36 -2.86 -27.29 -7.79
N GLU B 37 -3.82 -28.19 -8.02
CA GLU B 37 -4.06 -28.68 -9.37
C GLU B 37 -4.71 -27.63 -10.26
N ILE B 38 -4.41 -27.69 -11.56
CA ILE B 38 -4.93 -26.75 -12.55
C ILE B 38 -6.47 -26.58 -12.53
N ARG B 39 -6.97 -25.51 -13.12
CA ARG B 39 -8.42 -25.25 -13.13
C ARG B 39 -8.89 -24.78 -14.50
N GLU B 40 -10.02 -25.34 -14.95
CA GLU B 40 -10.56 -24.97 -16.25
C GLU B 40 -11.40 -23.75 -16.02
N GLN B 41 -12.45 -23.95 -15.22
CA GLN B 41 -13.43 -22.92 -14.86
C GLN B 41 -12.84 -21.52 -14.69
N TYR B 42 -12.21 -21.30 -13.53
CA TYR B 42 -11.59 -20.03 -13.14
C TYR B 42 -10.21 -19.85 -13.78
N GLY B 43 -9.78 -20.81 -14.58
CA GLY B 43 -8.45 -20.71 -15.17
C GLY B 43 -8.29 -20.78 -16.68
N ILE B 44 -7.92 -21.95 -17.18
CA ILE B 44 -7.68 -22.09 -18.61
C ILE B 44 -8.63 -21.25 -19.46
N GLN B 45 -9.90 -21.20 -19.05
CA GLN B 45 -10.91 -20.45 -19.80
C GLN B 45 -10.69 -18.96 -19.70
N ARG B 46 -10.33 -18.51 -18.50
CA ARG B 46 -10.07 -17.11 -18.27
C ARG B 46 -8.93 -16.77 -19.18
N VAL B 47 -7.84 -17.54 -19.09
CA VAL B 47 -6.66 -17.33 -19.95
C VAL B 47 -6.99 -17.34 -21.45
N GLU B 48 -7.49 -18.46 -21.97
CA GLU B 48 -7.83 -18.53 -23.38
C GLU B 48 -8.65 -17.33 -23.80
N ALA B 49 -9.58 -16.93 -22.92
CA ALA B 49 -10.46 -15.77 -23.14
C ALA B 49 -9.65 -14.52 -23.50
N MET B 50 -8.68 -14.20 -22.64
CA MET B 50 -7.80 -13.06 -22.85
C MET B 50 -7.48 -13.03 -24.33
N PHE B 51 -6.63 -13.99 -24.72
CA PHE B 51 -6.18 -14.17 -26.09
C PHE B 51 -7.27 -13.87 -27.10
N HIS B 52 -8.36 -14.61 -27.02
CA HIS B 52 -9.49 -14.40 -27.93
C HIS B 52 -9.86 -12.93 -27.99
N THR B 53 -10.43 -12.43 -26.88
CA THR B 53 -10.83 -11.02 -26.78
C THR B 53 -9.77 -10.12 -27.43
N LEU B 54 -8.50 -10.44 -27.19
CA LEU B 54 -7.42 -9.65 -27.74
C LEU B 54 -7.36 -9.77 -29.27
N ASP B 55 -7.61 -10.97 -29.77
CA ASP B 55 -7.58 -11.14 -31.22
C ASP B 55 -8.72 -10.31 -31.82
N LYS B 56 -9.88 -10.37 -31.18
CA LYS B 56 -11.06 -9.64 -31.63
C LYS B 56 -10.86 -8.13 -31.66
N ILE B 57 -10.24 -7.62 -30.61
CA ILE B 57 -9.97 -6.21 -30.52
C ILE B 57 -8.96 -5.82 -31.59
N ASN B 58 -7.83 -6.52 -31.63
CA ASN B 58 -6.78 -6.21 -32.60
C ASN B 58 -7.25 -6.29 -34.06
N ALA B 59 -8.13 -7.24 -34.34
CA ALA B 59 -8.65 -7.39 -35.69
C ALA B 59 -9.64 -6.26 -36.03
N ASP B 60 -10.26 -5.69 -34.99
CA ASP B 60 -11.24 -4.60 -35.14
C ASP B 60 -10.63 -3.36 -35.77
N PRO B 61 -11.38 -2.71 -36.69
CA PRO B 61 -10.98 -1.51 -37.42
C PRO B 61 -11.41 -0.16 -36.85
N VAL B 62 -12.25 -0.19 -35.81
CA VAL B 62 -12.73 1.03 -35.16
C VAL B 62 -11.97 1.33 -33.88
N LEU B 63 -11.83 0.30 -33.05
CA LEU B 63 -11.12 0.41 -31.79
C LEU B 63 -9.62 0.27 -32.06
N LEU B 64 -8.81 1.08 -31.38
CA LEU B 64 -7.37 1.03 -31.57
C LEU B 64 -7.00 0.49 -32.96
N PRO B 65 -7.12 1.36 -33.97
CA PRO B 65 -6.84 1.09 -35.38
C PRO B 65 -5.48 0.47 -35.66
N ASN B 66 -4.43 1.28 -35.57
CA ASN B 66 -3.08 0.82 -35.84
C ASN B 66 -2.19 0.72 -34.58
N ILE B 67 -2.74 0.09 -33.54
CA ILE B 67 -2.02 -0.11 -32.28
C ILE B 67 -2.31 -1.49 -31.69
N THR B 68 -1.50 -2.47 -32.09
CA THR B 68 -1.65 -3.85 -31.61
C THR B 68 -1.73 -3.88 -30.09
N LEU B 69 -2.54 -4.79 -29.57
CA LEU B 69 -2.65 -4.95 -28.13
C LEU B 69 -2.08 -6.30 -27.72
N GLY B 70 -1.12 -6.28 -26.80
CA GLY B 70 -0.52 -7.52 -26.31
C GLY B 70 -0.86 -7.75 -24.83
N SER B 71 -0.35 -8.83 -24.24
CA SER B 71 -0.65 -9.08 -22.84
C SER B 71 0.27 -10.04 -22.09
N GLU B 72 0.27 -9.90 -20.78
CA GLU B 72 1.08 -10.78 -19.98
C GLU B 72 0.15 -11.36 -18.92
N ILE B 73 -0.13 -12.66 -19.04
CA ILE B 73 -0.99 -13.37 -18.10
C ILE B 73 -0.21 -14.20 -17.05
N ARG B 74 -0.34 -13.85 -15.78
CA ARG B 74 0.35 -14.62 -14.75
C ARG B 74 -0.65 -15.31 -13.86
N ASP B 75 -0.23 -16.44 -13.32
CA ASP B 75 -1.06 -17.28 -12.46
C ASP B 75 -1.15 -16.68 -11.09
N SER B 76 -2.37 -16.45 -10.62
CA SER B 76 -2.58 -15.85 -9.32
C SER B 76 -2.69 -16.91 -8.24
N CYS B 77 -3.16 -18.10 -8.60
CA CYS B 77 -3.36 -19.21 -7.65
C CYS B 77 -4.30 -18.80 -6.51
N TRP B 78 -5.23 -17.90 -6.82
CA TRP B 78 -6.23 -17.40 -5.87
C TRP B 78 -5.69 -17.18 -4.47
N HIS B 79 -4.43 -16.76 -4.37
CA HIS B 79 -3.83 -16.52 -3.06
C HIS B 79 -2.97 -15.26 -3.07
N SER B 80 -3.17 -14.40 -2.07
CA SER B 80 -2.41 -13.17 -1.98
C SER B 80 -0.90 -13.32 -2.19
N SER B 81 -0.32 -14.36 -1.61
CA SER B 81 1.12 -14.54 -1.72
C SER B 81 1.63 -14.69 -3.12
N VAL B 82 1.06 -15.62 -3.86
CA VAL B 82 1.52 -15.80 -5.22
C VAL B 82 1.17 -14.55 -6.03
N ALA B 83 -0.07 -14.11 -5.90
CA ALA B 83 -0.53 -12.93 -6.62
C ALA B 83 0.44 -11.78 -6.49
N LEU B 84 0.95 -11.62 -5.27
CA LEU B 84 1.89 -10.56 -5.01
C LEU B 84 3.18 -10.88 -5.69
N GLU B 85 3.70 -12.09 -5.46
CA GLU B 85 4.95 -12.50 -6.06
C GLU B 85 4.95 -12.08 -7.51
N GLN B 86 3.90 -12.47 -8.22
CA GLN B 86 3.75 -12.12 -9.62
C GLN B 86 3.72 -10.61 -9.81
N SER B 87 2.74 -9.99 -9.17
CA SER B 87 2.56 -8.55 -9.28
C SER B 87 3.93 -7.88 -9.24
N ILE B 88 4.85 -8.39 -8.44
CA ILE B 88 6.19 -7.81 -8.37
C ILE B 88 6.77 -7.82 -9.76
N GLU B 89 6.96 -9.00 -10.34
CA GLU B 89 7.49 -9.09 -11.69
C GLU B 89 6.88 -8.02 -12.59
N PHE B 90 5.57 -7.88 -12.47
CA PHE B 90 4.89 -6.87 -13.26
C PHE B 90 5.57 -5.53 -13.11
N ILE B 91 5.50 -4.96 -11.91
CA ILE B 91 6.07 -3.64 -11.71
C ILE B 91 7.54 -3.57 -12.08
N ARG B 92 8.37 -4.45 -11.55
CA ARG B 92 9.82 -4.40 -11.87
C ARG B 92 10.17 -4.53 -13.35
N ASP B 93 9.64 -5.56 -14.02
CA ASP B 93 9.91 -5.64 -15.45
C ASP B 93 9.62 -4.22 -15.98
N SER B 94 8.50 -3.64 -15.52
CA SER B 94 8.06 -2.29 -15.89
C SER B 94 9.04 -1.19 -15.46
N LEU B 95 9.33 -1.09 -14.16
CA LEU B 95 10.25 -0.08 -13.66
C LEU B 95 11.57 -0.05 -14.47
N ILE B 96 11.82 -1.10 -15.26
CA ILE B 96 13.04 -1.16 -16.08
C ILE B 96 12.68 -1.24 -17.56
N LYS B 122 9.49 -4.28 -22.57
CA LYS B 122 8.13 -3.62 -22.61
C LYS B 122 7.43 -3.67 -21.26
N PRO B 123 6.90 -2.51 -20.81
CA PRO B 123 6.20 -2.34 -19.53
C PRO B 123 4.72 -2.57 -19.61
N ILE B 124 4.17 -2.88 -18.45
CA ILE B 124 2.74 -3.11 -18.28
C ILE B 124 2.00 -1.76 -18.26
N ALA B 125 0.89 -1.68 -18.96
CA ALA B 125 0.12 -0.45 -18.97
C ALA B 125 -1.03 -0.56 -17.94
N GLY B 126 -1.45 -1.79 -17.64
CA GLY B 126 -2.52 -2.02 -16.68
C GLY B 126 -2.73 -3.49 -16.30
N VAL B 127 -3.48 -3.74 -15.24
CA VAL B 127 -3.73 -5.10 -14.82
C VAL B 127 -5.19 -5.49 -14.66
N ILE B 128 -5.53 -6.70 -15.11
CA ILE B 128 -6.87 -7.23 -15.03
C ILE B 128 -6.80 -8.30 -13.98
N GLY B 129 -7.82 -8.34 -13.12
CA GLY B 129 -7.84 -9.33 -12.04
C GLY B 129 -7.32 -8.65 -10.79
N PRO B 130 -7.10 -9.39 -9.70
CA PRO B 130 -7.26 -10.82 -9.49
C PRO B 130 -8.72 -11.11 -9.13
N GLY B 131 -9.07 -12.40 -9.02
CA GLY B 131 -10.44 -12.77 -8.70
C GLY B 131 -11.01 -12.38 -7.35
N SER B 132 -10.46 -12.97 -6.29
CA SER B 132 -10.90 -12.72 -4.93
C SER B 132 -10.68 -11.29 -4.45
N SER B 133 -11.71 -10.68 -3.88
CA SER B 133 -11.63 -9.33 -3.35
C SER B 133 -10.56 -9.18 -2.27
N SER B 134 -10.47 -10.15 -1.39
CA SER B 134 -9.48 -10.15 -0.31
C SER B 134 -8.10 -10.03 -0.97
N VAL B 135 -7.93 -10.70 -2.10
CA VAL B 135 -6.68 -10.64 -2.82
C VAL B 135 -6.54 -9.30 -3.51
N ALA B 136 -7.47 -9.03 -4.44
CA ALA B 136 -7.46 -7.77 -5.18
C ALA B 136 -6.99 -6.57 -4.33
N ILE B 137 -7.37 -6.59 -3.05
CA ILE B 137 -6.97 -5.54 -2.15
C ILE B 137 -5.46 -5.58 -2.04
N GLN B 138 -4.94 -6.72 -1.61
CA GLN B 138 -3.50 -6.89 -1.48
C GLN B 138 -2.81 -6.44 -2.76
N VAL B 139 -3.30 -6.89 -3.90
CA VAL B 139 -2.70 -6.51 -5.16
C VAL B 139 -2.75 -4.98 -5.41
N GLN B 140 -3.87 -4.36 -5.05
CA GLN B 140 -4.04 -2.90 -5.24
C GLN B 140 -3.03 -2.09 -4.44
N ASN B 141 -2.68 -2.58 -3.26
CA ASN B 141 -1.74 -1.88 -2.42
C ASN B 141 -0.42 -1.85 -3.13
N LEU B 142 0.02 -3.01 -3.58
CA LEU B 142 1.30 -3.09 -4.28
C LEU B 142 1.28 -2.46 -5.66
N LEU B 143 0.09 -2.27 -6.22
CA LEU B 143 0.01 -1.67 -7.53
C LEU B 143 -0.05 -0.13 -7.55
N GLN B 144 -0.66 0.48 -6.53
CA GLN B 144 -0.79 1.94 -6.53
C GLN B 144 0.53 2.63 -6.16
N LEU B 145 1.50 1.83 -5.70
CA LEU B 145 2.80 2.35 -5.32
C LEU B 145 3.58 2.64 -6.62
N PHE B 146 3.05 2.16 -7.73
CA PHE B 146 3.72 2.39 -8.98
C PHE B 146 2.73 2.88 -9.99
N ASP B 147 1.69 3.54 -9.48
CA ASP B 147 0.64 4.13 -10.30
C ASP B 147 0.13 3.24 -11.45
N ILE B 148 -0.26 2.01 -11.14
CA ILE B 148 -0.74 1.10 -12.17
C ILE B 148 -2.20 0.69 -12.04
N PRO B 149 -3.03 1.13 -12.98
CA PRO B 149 -4.46 0.83 -13.03
C PRO B 149 -4.78 -0.64 -13.01
N GLN B 150 -5.68 -1.03 -12.11
CA GLN B 150 -6.13 -2.40 -11.94
C GLN B 150 -7.64 -2.45 -12.12
N ILE B 151 -8.11 -3.16 -13.13
CA ILE B 151 -9.54 -3.33 -13.35
C ILE B 151 -9.89 -4.75 -12.90
N ALA B 152 -11.00 -4.92 -12.18
CA ALA B 152 -11.37 -6.26 -11.74
C ALA B 152 -12.69 -6.67 -12.34
N TYR B 153 -13.12 -7.91 -12.09
CA TYR B 153 -14.37 -8.46 -12.66
C TYR B 153 -15.22 -9.31 -11.73
N SER B 154 -14.76 -9.55 -10.51
CA SER B 154 -15.50 -10.37 -9.55
C SER B 154 -15.33 -9.96 -8.10
N ALA B 155 -14.42 -9.02 -7.86
CA ALA B 155 -14.16 -8.54 -6.51
C ALA B 155 -15.13 -7.46 -6.13
N THR B 156 -16.23 -7.82 -5.47
CA THR B 156 -17.26 -6.85 -5.09
C THR B 156 -17.22 -6.22 -3.71
N SER B 157 -16.35 -6.70 -2.82
CA SER B 157 -16.28 -6.15 -1.46
C SER B 157 -16.47 -4.62 -1.47
N ILE B 158 -17.04 -4.13 -0.36
CA ILE B 158 -17.37 -2.71 -0.18
C ILE B 158 -16.23 -1.75 0.20
N ASP B 159 -15.06 -2.29 0.48
CA ASP B 159 -13.92 -1.44 0.83
C ASP B 159 -13.33 -0.81 -0.44
N LEU B 160 -13.24 -1.59 -1.51
CA LEU B 160 -12.65 -1.11 -2.76
C LEU B 160 -13.29 0.16 -3.31
N SER B 161 -14.26 0.69 -2.57
CA SER B 161 -14.96 1.91 -2.97
C SER B 161 -14.31 3.12 -2.30
N ASP B 162 -13.38 2.88 -1.37
CA ASP B 162 -12.68 3.95 -0.67
C ASP B 162 -11.39 4.36 -1.37
N LYS B 163 -11.50 5.22 -2.38
CA LYS B 163 -10.35 5.68 -3.14
C LYS B 163 -9.24 6.26 -2.26
N THR B 164 -9.59 6.94 -1.19
CA THR B 164 -8.56 7.50 -0.34
C THR B 164 -7.61 6.37 0.08
N LEU B 165 -8.06 5.14 -0.16
CA LEU B 165 -7.26 3.99 0.22
C LEU B 165 -6.91 3.08 -0.95
N TYR B 166 -7.83 2.99 -1.90
CA TYR B 166 -7.66 2.14 -3.05
C TYR B 166 -7.94 2.99 -4.27
N LYS B 167 -7.12 4.01 -4.47
CA LYS B 167 -7.27 4.93 -5.60
C LYS B 167 -7.20 4.31 -7.00
N TYR B 168 -6.17 3.52 -7.26
CA TYR B 168 -5.99 2.89 -8.57
C TYR B 168 -6.82 1.65 -8.90
N PHE B 169 -7.82 1.33 -8.10
CA PHE B 169 -8.66 0.16 -8.39
C PHE B 169 -9.99 0.60 -9.06
N LEU B 170 -10.60 -0.31 -9.82
CA LEU B 170 -11.91 -0.08 -10.45
C LEU B 170 -12.40 -1.41 -10.97
N ARG B 171 -13.72 -1.60 -11.03
CA ARG B 171 -14.24 -2.89 -11.46
C ARG B 171 -15.44 -2.73 -12.38
N VAL B 172 -15.78 -3.80 -13.10
CA VAL B 172 -16.91 -3.75 -13.99
C VAL B 172 -18.09 -4.42 -13.28
N VAL B 173 -17.96 -4.69 -11.99
CA VAL B 173 -19.06 -5.29 -11.23
C VAL B 173 -19.50 -4.42 -10.04
N PRO B 174 -20.82 -4.33 -9.80
CA PRO B 174 -21.38 -3.53 -8.71
C PRO B 174 -20.82 -4.00 -7.40
N SER B 175 -20.67 -3.10 -6.42
CA SER B 175 -20.16 -3.54 -5.12
C SER B 175 -21.31 -4.28 -4.45
N ASP B 176 -21.11 -4.70 -3.22
CA ASP B 176 -22.18 -5.41 -2.51
C ASP B 176 -23.18 -4.44 -1.89
N THR B 177 -22.84 -3.15 -1.89
CA THR B 177 -23.79 -2.20 -1.36
C THR B 177 -25.04 -2.51 -2.16
N LEU B 178 -24.95 -2.40 -3.48
CA LEU B 178 -26.10 -2.66 -4.34
C LEU B 178 -26.76 -4.02 -4.16
N GLN B 179 -26.20 -4.86 -3.30
CA GLN B 179 -26.79 -6.15 -3.07
C GLN B 179 -27.91 -5.91 -2.03
N ALA B 180 -27.54 -5.32 -0.91
CA ALA B 180 -28.51 -5.05 0.13
C ALA B 180 -29.68 -4.26 -0.49
N ARG B 181 -29.35 -3.16 -1.19
CA ARG B 181 -30.35 -2.32 -1.83
C ARG B 181 -31.36 -3.18 -2.58
N ALA B 182 -30.88 -4.02 -3.47
CA ALA B 182 -31.78 -4.87 -4.22
C ALA B 182 -32.53 -5.88 -3.33
N MET B 183 -31.87 -6.46 -2.33
CA MET B 183 -32.59 -7.40 -1.47
C MET B 183 -33.69 -6.66 -0.75
N LEU B 184 -33.36 -5.49 -0.21
CA LEU B 184 -34.37 -4.70 0.46
C LEU B 184 -35.47 -4.43 -0.56
N ASP B 185 -35.16 -3.75 -1.66
CA ASP B 185 -36.16 -3.46 -2.69
C ASP B 185 -37.08 -4.65 -2.95
N ILE B 186 -36.62 -5.84 -2.61
CA ILE B 186 -37.42 -7.04 -2.80
C ILE B 186 -38.42 -7.10 -1.67
N VAL B 187 -37.91 -7.01 -0.44
CA VAL B 187 -38.76 -7.03 0.74
C VAL B 187 -39.81 -5.92 0.66
N LYS B 188 -39.49 -4.81 0.02
CA LYS B 188 -40.45 -3.73 -0.13
C LYS B 188 -41.65 -4.18 -0.94
N ARG B 189 -41.42 -4.62 -2.17
CA ARG B 189 -42.51 -5.04 -3.04
C ARG B 189 -43.52 -5.98 -2.37
N TYR B 190 -43.05 -6.85 -1.47
CA TYR B 190 -43.96 -7.79 -0.81
C TYR B 190 -44.50 -7.28 0.53
N ASN B 191 -44.50 -5.96 0.68
CA ASN B 191 -44.98 -5.26 1.87
C ASN B 191 -44.67 -5.86 3.24
N TRP B 192 -43.71 -6.78 3.33
CA TRP B 192 -43.36 -7.38 4.62
C TRP B 192 -42.79 -6.31 5.56
N THR B 193 -43.47 -6.04 6.67
CA THR B 193 -43.02 -5.03 7.63
C THR B 193 -42.28 -5.62 8.84
N TYR B 194 -41.73 -6.81 8.69
CA TYR B 194 -41.01 -7.44 9.79
C TYR B 194 -40.23 -8.67 9.31
N VAL B 195 -38.91 -8.59 9.39
CA VAL B 195 -38.04 -9.67 8.94
C VAL B 195 -36.98 -10.07 9.96
N SER B 196 -36.21 -11.07 9.60
CA SER B 196 -35.12 -11.59 10.43
C SER B 196 -33.82 -11.28 9.68
N ALA B 197 -32.68 -11.49 10.31
CA ALA B 197 -31.40 -11.22 9.67
C ALA B 197 -30.28 -12.10 10.15
N VAL B 198 -29.63 -12.76 9.20
CA VAL B 198 -28.51 -13.62 9.52
C VAL B 198 -27.38 -13.39 8.53
N HIS B 199 -26.16 -13.27 9.05
CA HIS B 199 -25.00 -13.08 8.18
C HIS B 199 -23.74 -13.81 8.64
N THR B 200 -22.88 -14.14 7.66
CA THR B 200 -21.64 -14.86 7.91
C THR B 200 -20.53 -13.91 8.37
N GLU B 201 -19.58 -14.43 9.13
CA GLU B 201 -18.44 -13.64 9.62
C GLU B 201 -17.49 -13.40 8.47
N GLY B 202 -16.83 -12.25 8.47
CA GLY B 202 -15.89 -11.91 7.42
C GLY B 202 -16.25 -10.57 6.79
N ASN B 203 -15.29 -9.97 6.09
CA ASN B 203 -15.53 -8.68 5.45
C ASN B 203 -16.68 -8.70 4.44
N TYR B 204 -17.18 -9.90 4.12
CA TYR B 204 -18.29 -10.03 3.18
C TYR B 204 -19.63 -9.90 3.88
N GLY B 205 -19.97 -10.91 4.68
CA GLY B 205 -21.22 -10.89 5.41
C GLY B 205 -21.46 -9.64 6.24
N GLU B 206 -20.51 -9.30 7.12
CA GLU B 206 -20.65 -8.12 7.97
C GLU B 206 -20.98 -6.83 7.20
N SER B 207 -20.12 -6.46 6.26
CA SER B 207 -20.34 -5.25 5.48
C SER B 207 -21.72 -5.21 4.82
N GLY B 208 -22.08 -6.31 4.17
CA GLY B 208 -23.37 -6.38 3.50
C GLY B 208 -24.54 -6.16 4.43
N MET B 209 -24.59 -6.92 5.51
CA MET B 209 -25.68 -6.79 6.47
C MET B 209 -25.75 -5.34 6.96
N ASP B 210 -24.72 -4.92 7.69
CA ASP B 210 -24.64 -3.56 8.21
C ASP B 210 -25.21 -2.61 7.16
N ALA B 211 -24.88 -2.86 5.90
CA ALA B 211 -25.34 -2.03 4.80
C ALA B 211 -26.86 -2.09 4.69
N PHE B 212 -27.40 -3.29 4.82
CA PHE B 212 -28.84 -3.51 4.75
C PHE B 212 -29.50 -2.84 5.96
N LYS B 213 -29.08 -3.23 7.15
CA LYS B 213 -29.63 -2.67 8.38
C LYS B 213 -29.64 -1.14 8.31
N GLU B 214 -28.65 -0.59 7.62
CA GLU B 214 -28.58 0.85 7.46
C GLU B 214 -29.82 1.29 6.65
N LEU B 215 -30.14 0.49 5.62
CA LEU B 215 -31.29 0.76 4.75
C LEU B 215 -32.58 0.38 5.45
N ALA B 216 -32.46 -0.28 6.60
CA ALA B 216 -33.62 -0.69 7.37
C ALA B 216 -34.30 0.54 7.98
N ALA B 217 -33.65 1.11 8.98
CA ALA B 217 -34.16 2.30 9.66
C ALA B 217 -34.65 3.35 8.66
N GLN B 218 -33.73 3.97 7.94
CA GLN B 218 -34.06 5.01 6.95
C GLN B 218 -35.34 4.74 6.16
N GLU B 219 -35.57 3.48 5.81
CA GLU B 219 -36.73 3.08 5.03
C GLU B 219 -37.98 2.80 5.86
N GLY B 220 -37.79 2.34 7.10
CA GLY B 220 -38.91 2.07 7.98
C GLY B 220 -39.21 0.58 8.14
N LEU B 221 -38.24 -0.16 8.64
CA LEU B 221 -38.39 -1.59 8.80
C LEU B 221 -37.81 -2.02 10.16
N CYS B 222 -38.32 -3.11 10.72
CA CYS B 222 -37.83 -3.60 12.00
C CYS B 222 -37.26 -5.00 11.88
N ILE B 223 -36.10 -5.23 12.49
CA ILE B 223 -35.43 -6.53 12.45
C ILE B 223 -35.70 -7.34 13.72
N ALA B 224 -36.52 -8.39 13.59
CA ALA B 224 -36.85 -9.23 14.73
C ALA B 224 -35.59 -9.78 15.39
N HIS B 225 -35.10 -10.91 14.89
CA HIS B 225 -33.89 -11.49 15.46
C HIS B 225 -32.74 -11.21 14.51
N SER B 226 -31.52 -11.59 14.94
CA SER B 226 -30.33 -11.39 14.13
C SER B 226 -29.20 -12.16 14.79
N ASP B 227 -28.33 -12.74 13.97
CA ASP B 227 -27.20 -13.52 14.48
C ASP B 227 -26.15 -13.65 13.38
N LYS B 228 -25.03 -14.28 13.71
CA LYS B 228 -23.96 -14.49 12.76
C LYS B 228 -23.27 -15.82 13.04
N ILE B 229 -22.36 -16.24 12.16
CA ILE B 229 -21.66 -17.49 12.36
C ILE B 229 -20.75 -17.87 11.21
N TYR B 230 -19.60 -18.46 11.54
CA TYR B 230 -18.66 -18.88 10.52
C TYR B 230 -19.31 -20.02 9.74
N SER B 231 -18.79 -20.30 8.56
CA SER B 231 -19.32 -21.35 7.71
C SER B 231 -18.83 -22.74 8.11
N ASN B 232 -17.91 -22.79 9.06
CA ASN B 232 -17.33 -24.04 9.52
C ASN B 232 -17.81 -24.45 10.93
N ALA B 233 -18.35 -23.49 11.68
CA ALA B 233 -18.83 -23.77 13.02
C ALA B 233 -19.56 -25.11 13.09
N GLY B 234 -19.45 -25.79 14.23
CA GLY B 234 -20.09 -27.09 14.41
C GLY B 234 -21.59 -27.12 14.19
N GLU B 235 -22.12 -28.31 13.94
CA GLU B 235 -23.56 -28.48 13.74
C GLU B 235 -24.30 -27.92 14.93
N LYS B 236 -23.68 -28.02 16.11
CA LYS B 236 -24.28 -27.50 17.33
C LYS B 236 -24.62 -26.04 17.15
N SER B 237 -23.60 -25.22 16.92
CA SER B 237 -23.78 -23.79 16.71
C SER B 237 -24.96 -23.56 15.75
N PHE B 238 -25.03 -24.37 14.70
CA PHE B 238 -26.11 -24.24 13.75
C PHE B 238 -27.45 -24.43 14.42
N ASP B 239 -27.66 -25.60 15.01
CA ASP B 239 -28.92 -25.89 15.68
C ASP B 239 -29.32 -24.73 16.57
N ARG B 240 -28.35 -24.25 17.34
CA ARG B 240 -28.55 -23.14 18.26
C ARG B 240 -29.10 -21.95 17.47
N LEU B 241 -28.52 -21.73 16.29
CA LEU B 241 -28.94 -20.64 15.42
C LEU B 241 -30.42 -20.79 15.02
N LEU B 242 -30.76 -21.97 14.53
CA LEU B 242 -32.14 -22.24 14.10
C LEU B 242 -33.07 -21.95 15.28
N ARG B 243 -32.69 -22.46 16.44
CA ARG B 243 -33.47 -22.30 17.65
C ARG B 243 -33.78 -20.81 17.79
N LYS B 244 -32.78 -20.02 18.11
CA LYS B 244 -32.96 -18.58 18.29
C LYS B 244 -33.87 -18.00 17.22
N LEU B 245 -33.81 -18.58 16.02
CA LEU B 245 -34.61 -18.07 14.92
C LEU B 245 -36.08 -18.46 15.01
N ARG B 246 -36.33 -19.75 15.28
CA ARG B 246 -37.69 -20.27 15.39
C ARG B 246 -38.47 -19.58 16.50
N GLU B 247 -37.83 -19.44 17.65
CA GLU B 247 -38.43 -18.80 18.81
C GLU B 247 -39.13 -17.48 18.49
N ARG B 248 -38.73 -16.85 17.39
CA ARG B 248 -39.34 -15.58 16.98
C ARG B 248 -40.32 -15.76 15.83
N LEU B 249 -41.57 -16.11 16.18
CA LEU B 249 -42.62 -16.32 15.19
C LEU B 249 -43.97 -16.09 15.87
N PRO B 250 -45.05 -15.99 15.08
CA PRO B 250 -45.09 -16.08 13.61
C PRO B 250 -44.86 -14.72 12.95
N LYS B 251 -43.99 -13.93 13.56
CA LYS B 251 -43.68 -12.59 13.05
C LYS B 251 -42.37 -12.62 12.24
N ALA B 252 -41.30 -13.07 12.90
CA ALA B 252 -39.98 -13.17 12.27
C ALA B 252 -39.91 -14.37 11.34
N ARG B 253 -40.62 -14.29 10.23
CA ARG B 253 -40.67 -15.36 9.24
C ARG B 253 -39.69 -15.18 8.09
N VAL B 254 -39.68 -13.99 7.51
CA VAL B 254 -38.79 -13.67 6.40
C VAL B 254 -37.35 -13.52 6.85
N VAL B 255 -36.48 -14.46 6.48
CA VAL B 255 -35.08 -14.38 6.88
C VAL B 255 -34.15 -13.85 5.80
N VAL B 256 -33.66 -12.63 6.01
CA VAL B 256 -32.74 -11.97 5.08
C VAL B 256 -31.36 -12.57 5.34
N CYS B 257 -30.88 -13.38 4.41
CA CYS B 257 -29.58 -14.05 4.57
C CYS B 257 -28.43 -13.55 3.71
N PHE B 258 -27.69 -12.57 4.22
CA PHE B 258 -26.53 -12.13 3.46
C PHE B 258 -25.56 -13.19 3.93
N CYS B 259 -25.69 -14.37 3.35
CA CYS B 259 -24.88 -15.49 3.79
C CYS B 259 -24.01 -16.13 2.74
N GLU B 260 -22.88 -16.69 3.19
CA GLU B 260 -21.97 -17.39 2.29
C GLU B 260 -22.70 -18.66 1.96
N GLY B 261 -22.39 -19.24 0.80
CA GLY B 261 -23.06 -20.46 0.39
C GLY B 261 -23.14 -21.54 1.45
N MET B 262 -22.00 -21.90 2.02
CA MET B 262 -21.96 -22.94 3.02
C MET B 262 -22.73 -22.65 4.29
N THR B 263 -22.98 -21.38 4.58
CA THR B 263 -23.73 -21.04 5.78
C THR B 263 -25.20 -21.40 5.58
N VAL B 264 -25.78 -21.00 4.45
CA VAL B 264 -27.17 -21.32 4.18
C VAL B 264 -27.31 -22.83 4.25
N ARG B 265 -26.44 -23.54 3.52
CA ARG B 265 -26.46 -25.00 3.48
C ARG B 265 -26.59 -25.51 4.89
N GLY B 266 -25.69 -25.05 5.74
CA GLY B 266 -25.69 -25.45 7.12
C GLY B 266 -27.00 -25.18 7.83
N LEU B 267 -27.75 -24.17 7.38
CA LEU B 267 -29.03 -23.85 8.00
C LEU B 267 -30.07 -24.91 7.62
N LEU B 268 -30.12 -25.21 6.33
CA LEU B 268 -31.05 -26.22 5.83
C LEU B 268 -30.80 -27.54 6.55
N SER B 269 -29.53 -27.82 6.84
CA SER B 269 -29.14 -29.04 7.54
C SER B 269 -29.81 -28.98 8.90
N ALA B 270 -29.67 -27.82 9.54
CA ALA B 270 -30.24 -27.58 10.85
C ALA B 270 -31.75 -27.81 10.90
N MET B 271 -32.40 -27.66 9.77
CA MET B 271 -33.84 -27.86 9.69
C MET B 271 -34.17 -29.36 9.52
N ARG B 272 -33.35 -30.03 8.72
CA ARG B 272 -33.50 -31.47 8.43
C ARG B 272 -33.19 -32.27 9.69
N ARG B 273 -32.29 -31.75 10.52
CA ARG B 273 -31.95 -32.40 11.78
C ARG B 273 -33.15 -32.26 12.71
N LEU B 274 -33.63 -31.04 12.88
CA LEU B 274 -34.76 -30.78 13.76
C LEU B 274 -36.09 -31.21 13.12
N GLY B 275 -36.00 -31.95 12.01
CA GLY B 275 -37.19 -32.45 11.35
C GLY B 275 -38.24 -31.46 10.92
N VAL B 276 -37.96 -30.17 11.11
CA VAL B 276 -38.90 -29.11 10.72
C VAL B 276 -38.63 -28.71 9.27
N VAL B 277 -39.69 -28.36 8.54
CA VAL B 277 -39.53 -27.98 7.15
C VAL B 277 -40.54 -26.93 6.71
N GLY B 278 -40.04 -25.83 6.17
CA GLY B 278 -40.89 -24.76 5.69
C GLY B 278 -41.52 -23.91 6.78
N GLU B 279 -40.71 -23.12 7.47
CA GLU B 279 -41.22 -22.26 8.52
C GLU B 279 -40.79 -20.83 8.24
N PHE B 280 -39.94 -20.64 7.23
CA PHE B 280 -39.45 -19.30 6.88
C PHE B 280 -39.32 -19.13 5.37
N SER B 281 -39.18 -17.88 4.94
CA SER B 281 -39.00 -17.55 3.53
C SER B 281 -37.59 -17.00 3.46
N LEU B 282 -36.68 -17.72 2.81
CA LEU B 282 -35.33 -17.25 2.73
C LEU B 282 -35.11 -16.27 1.61
N ILE B 283 -34.13 -15.38 1.82
CA ILE B 283 -33.73 -14.38 0.85
C ILE B 283 -32.24 -14.22 1.04
N GLY B 284 -31.45 -14.94 0.26
CA GLY B 284 -30.01 -14.90 0.39
C GLY B 284 -29.28 -14.04 -0.61
N SER B 285 -28.08 -13.62 -0.23
CA SER B 285 -27.23 -12.80 -1.10
C SER B 285 -26.65 -13.68 -2.20
N ASP B 286 -25.74 -13.14 -3.01
CA ASP B 286 -25.18 -13.95 -4.09
C ASP B 286 -24.33 -15.11 -3.60
N GLY B 287 -23.90 -15.06 -2.34
CA GLY B 287 -23.13 -16.17 -1.85
C GLY B 287 -23.89 -17.47 -2.13
N TRP B 288 -25.21 -17.39 -2.13
CA TRP B 288 -26.07 -18.54 -2.38
C TRP B 288 -26.34 -18.61 -3.88
N ALA B 289 -26.86 -17.52 -4.43
CA ALA B 289 -27.16 -17.44 -5.86
C ALA B 289 -27.88 -18.68 -6.33
N ASP B 290 -27.39 -19.26 -7.41
CA ASP B 290 -28.01 -20.45 -7.93
C ASP B 290 -27.12 -21.67 -7.85
N ARG B 291 -26.12 -21.62 -6.96
CA ARG B 291 -25.17 -22.71 -6.72
C ARG B 291 -25.89 -24.04 -6.43
N ASP B 292 -25.70 -25.02 -7.30
CA ASP B 292 -26.37 -26.30 -7.08
C ASP B 292 -25.74 -27.03 -5.91
N GLU B 293 -24.48 -26.72 -5.60
CA GLU B 293 -23.80 -27.41 -4.50
C GLU B 293 -24.13 -26.90 -3.12
N VAL B 294 -25.15 -26.05 -3.01
CA VAL B 294 -25.51 -25.55 -1.69
C VAL B 294 -26.77 -26.23 -1.21
N ILE B 295 -27.64 -26.64 -2.14
CA ILE B 295 -28.89 -27.28 -1.75
C ILE B 295 -29.01 -28.77 -2.03
N GLU B 296 -27.96 -29.36 -2.60
CA GLU B 296 -28.00 -30.79 -2.89
C GLU B 296 -28.38 -31.60 -1.67
N GLY B 297 -29.47 -32.35 -1.79
CA GLY B 297 -29.96 -33.17 -0.70
C GLY B 297 -31.00 -32.49 0.17
N TYR B 298 -30.90 -31.18 0.29
CA TYR B 298 -31.83 -30.42 1.10
C TYR B 298 -32.81 -29.67 0.20
N GLU B 299 -32.96 -30.16 -1.04
CA GLU B 299 -33.85 -29.52 -1.99
C GLU B 299 -35.26 -29.36 -1.46
N VAL B 300 -35.44 -29.56 -0.16
CA VAL B 300 -36.76 -29.43 0.42
C VAL B 300 -36.89 -28.26 1.36
N GLU B 301 -36.09 -28.25 2.42
CA GLU B 301 -36.15 -27.15 3.36
C GLU B 301 -35.61 -25.89 2.74
N ALA B 302 -35.26 -25.98 1.46
CA ALA B 302 -34.72 -24.83 0.76
C ALA B 302 -35.79 -24.20 -0.09
N ASN B 303 -36.39 -25.02 -0.94
CA ASN B 303 -37.44 -24.60 -1.87
C ASN B 303 -38.26 -23.41 -1.35
N GLY B 304 -38.47 -22.44 -2.23
CA GLY B 304 -39.24 -21.27 -1.87
C GLY B 304 -38.40 -20.01 -1.73
N GLY B 305 -37.14 -20.15 -1.34
CA GLY B 305 -36.28 -18.99 -1.18
C GLY B 305 -36.06 -18.16 -2.43
N ILE B 306 -35.38 -17.02 -2.25
CA ILE B 306 -35.08 -16.13 -3.35
C ILE B 306 -33.63 -15.74 -3.24
N THR B 307 -32.90 -15.92 -4.33
CA THR B 307 -31.49 -15.57 -4.36
C THR B 307 -31.28 -14.46 -5.38
N ILE B 308 -30.28 -13.62 -5.06
CA ILE B 308 -29.83 -12.47 -5.87
C ILE B 308 -28.57 -13.01 -6.51
N LYS B 309 -28.44 -12.94 -7.82
CA LYS B 309 -27.23 -13.43 -8.48
C LYS B 309 -26.77 -12.38 -9.45
N LEU B 310 -25.45 -12.28 -9.69
CA LEU B 310 -24.99 -11.24 -10.60
C LEU B 310 -25.47 -11.58 -11.98
N GLN B 311 -26.14 -10.65 -12.64
CA GLN B 311 -26.65 -10.94 -13.98
C GLN B 311 -25.49 -10.93 -14.96
N SER B 312 -25.09 -12.10 -15.42
CA SER B 312 -24.02 -12.17 -16.41
C SER B 312 -24.47 -13.15 -17.46
N PRO B 313 -24.81 -12.62 -18.64
CA PRO B 313 -25.28 -13.38 -19.79
C PRO B 313 -24.20 -14.29 -20.34
N GLU B 314 -24.63 -15.26 -21.14
CA GLU B 314 -23.68 -16.18 -21.73
C GLU B 314 -22.93 -15.39 -22.78
N VAL B 315 -22.07 -16.07 -23.54
CA VAL B 315 -21.30 -15.44 -24.61
C VAL B 315 -21.00 -16.51 -25.61
N ARG B 316 -21.55 -16.40 -26.82
CA ARG B 316 -21.32 -17.40 -27.84
C ARG B 316 -19.93 -17.28 -28.50
N SER B 317 -19.62 -16.08 -28.98
CA SER B 317 -18.33 -15.84 -29.60
C SER B 317 -17.21 -16.66 -28.93
N PHE B 318 -17.31 -16.86 -27.62
CA PHE B 318 -16.28 -17.59 -26.87
C PHE B 318 -16.37 -19.11 -26.92
N ASP B 319 -17.53 -19.65 -27.19
CA ASP B 319 -17.61 -21.12 -27.25
C ASP B 319 -17.03 -21.60 -28.56
N ASP B 320 -17.49 -20.97 -29.65
CA ASP B 320 -17.04 -21.28 -30.99
C ASP B 320 -15.52 -21.26 -31.01
N TYR B 321 -14.93 -20.43 -30.16
CA TYR B 321 -13.48 -20.34 -30.11
C TYR B 321 -12.88 -21.47 -29.29
N PHE B 322 -13.20 -21.48 -28.01
CA PHE B 322 -12.65 -22.48 -27.11
C PHE B 322 -12.78 -23.93 -27.54
N LEU B 323 -14.01 -24.40 -27.69
CA LEU B 323 -14.24 -25.80 -28.06
C LEU B 323 -13.39 -26.34 -29.24
N LYS B 324 -13.09 -25.50 -30.22
CA LYS B 324 -12.32 -25.94 -31.37
C LYS B 324 -10.81 -25.86 -31.13
N LEU B 325 -10.42 -25.74 -29.87
CA LEU B 325 -9.01 -25.64 -29.53
C LEU B 325 -8.36 -26.99 -29.62
N ARG B 326 -7.30 -27.07 -30.43
CA ARG B 326 -6.55 -28.32 -30.61
C ARG B 326 -5.28 -28.29 -29.79
N LEU B 327 -4.77 -29.48 -29.46
CA LEU B 327 -3.58 -29.63 -28.67
C LEU B 327 -2.27 -29.18 -29.35
N ASP B 328 -2.25 -29.19 -30.68
CA ASP B 328 -1.08 -28.76 -31.43
C ASP B 328 -1.18 -27.40 -32.08
N THR B 329 -2.32 -26.74 -31.93
CA THR B 329 -2.48 -25.40 -32.50
C THR B 329 -2.39 -24.31 -31.42
N ASN B 330 -2.71 -24.68 -30.18
CA ASN B 330 -2.65 -23.73 -29.08
C ASN B 330 -1.18 -23.66 -28.65
N THR B 331 -0.48 -22.65 -29.16
CA THR B 331 0.91 -22.49 -28.82
C THR B 331 1.14 -21.36 -27.83
N ARG B 332 0.13 -20.52 -27.59
CA ARG B 332 0.33 -19.43 -26.63
C ARG B 332 -0.06 -19.78 -25.21
N ASN B 333 -0.82 -20.85 -24.99
CA ASN B 333 -1.23 -21.23 -23.63
C ASN B 333 -0.35 -22.34 -23.08
N PRO B 334 0.82 -21.98 -22.56
CA PRO B 334 1.77 -22.95 -22.01
C PRO B 334 1.13 -23.96 -21.08
N TRP B 335 -0.05 -23.64 -20.58
CA TRP B 335 -0.73 -24.54 -19.65
C TRP B 335 -1.53 -25.65 -20.35
N PHE B 336 -2.25 -25.28 -21.39
CA PHE B 336 -3.12 -26.21 -22.11
C PHE B 336 -2.73 -27.68 -21.91
N PRO B 337 -1.56 -28.12 -22.41
CA PRO B 337 -1.14 -29.51 -22.24
C PRO B 337 -1.41 -30.07 -20.82
N GLU B 338 -0.83 -29.47 -19.81
CA GLU B 338 -1.08 -29.95 -18.45
C GLU B 338 -2.58 -30.11 -18.30
N PHE B 339 -3.29 -29.03 -18.60
CA PHE B 339 -4.74 -28.97 -18.49
C PHE B 339 -5.44 -30.07 -19.30
N TRP B 340 -5.09 -30.20 -20.57
CA TRP B 340 -5.71 -31.20 -21.44
C TRP B 340 -5.68 -32.58 -20.81
N GLN B 341 -4.57 -32.90 -20.16
CA GLN B 341 -4.47 -34.18 -19.52
C GLN B 341 -5.43 -34.24 -18.36
N HIS B 342 -5.31 -33.33 -17.41
CA HIS B 342 -6.23 -33.34 -16.28
C HIS B 342 -7.71 -33.33 -16.73
N ARG B 343 -8.01 -32.57 -17.77
CA ARG B 343 -9.37 -32.47 -18.29
C ARG B 343 -9.96 -33.75 -18.84
N PHE B 344 -9.10 -34.62 -19.38
CA PHE B 344 -9.54 -35.89 -19.95
C PHE B 344 -8.91 -37.11 -19.30
N GLN B 345 -8.19 -36.90 -18.21
CA GLN B 345 -7.55 -38.01 -17.50
C GLN B 345 -6.85 -39.01 -18.42
N CYS B 346 -5.76 -38.55 -19.03
CA CYS B 346 -4.94 -39.35 -19.94
C CYS B 346 -3.57 -38.68 -19.99
N ARG B 347 -2.53 -39.38 -20.44
CA ARG B 347 -1.20 -38.79 -20.48
C ARG B 347 -0.55 -38.82 -21.86
N LEU B 348 0.42 -37.95 -22.08
CA LEU B 348 1.16 -37.88 -23.34
C LEU B 348 2.50 -38.58 -23.24
N PRO B 349 2.80 -39.44 -24.24
CA PRO B 349 4.03 -40.23 -24.33
C PRO B 349 5.28 -39.38 -24.16
N GLY B 350 5.97 -39.58 -23.03
CA GLY B 350 7.18 -38.83 -22.76
C GLY B 350 7.12 -37.35 -23.10
N HIS B 351 6.32 -36.60 -22.34
CA HIS B 351 6.22 -35.18 -22.56
C HIS B 351 6.56 -34.44 -21.26
N LEU B 352 7.39 -33.41 -21.38
CA LEU B 352 7.84 -32.63 -20.23
C LEU B 352 6.69 -32.25 -19.30
N LEU B 353 5.46 -32.37 -19.79
CA LEU B 353 4.29 -32.04 -18.99
C LEU B 353 3.37 -33.25 -18.77
N GLU B 354 3.98 -34.41 -18.48
CA GLU B 354 3.23 -35.65 -18.25
C GLU B 354 2.75 -35.80 -16.81
N ASN B 355 1.56 -36.37 -16.63
CA ASN B 355 0.97 -36.58 -15.31
C ASN B 355 1.15 -38.05 -14.90
N PRO B 356 1.40 -38.30 -13.60
CA PRO B 356 1.59 -39.68 -13.09
C PRO B 356 0.32 -40.34 -12.60
N ASN B 357 -0.78 -39.59 -12.58
CA ASN B 357 -2.06 -40.10 -12.09
C ASN B 357 -2.90 -40.82 -13.14
N PHE B 358 -2.46 -40.81 -14.40
CA PHE B 358 -3.24 -41.46 -15.46
C PHE B 358 -2.48 -42.58 -16.14
N LYS B 359 -3.22 -43.50 -16.77
CA LYS B 359 -2.60 -44.64 -17.45
C LYS B 359 -2.86 -44.70 -18.95
N LYS B 360 -4.06 -44.32 -19.38
CA LYS B 360 -4.40 -44.34 -20.80
C LYS B 360 -3.68 -43.27 -21.59
N VAL B 361 -3.93 -43.23 -22.89
CA VAL B 361 -3.29 -42.25 -23.75
C VAL B 361 -4.31 -41.25 -24.29
N CYS B 362 -3.87 -40.01 -24.50
CA CYS B 362 -4.76 -38.98 -25.05
C CYS B 362 -4.71 -39.10 -26.57
N THR B 363 -5.84 -39.45 -27.18
CA THR B 363 -5.88 -39.59 -28.62
C THR B 363 -5.68 -38.22 -29.26
N GLY B 364 -5.72 -37.18 -28.44
CA GLY B 364 -5.57 -35.84 -28.97
C GLY B 364 -6.78 -35.60 -29.86
N ASN B 365 -7.87 -36.30 -29.56
CA ASN B 365 -9.12 -36.19 -30.33
C ASN B 365 -10.34 -35.93 -29.46
N GLU B 366 -10.25 -36.25 -28.17
CA GLU B 366 -11.38 -36.05 -27.26
C GLU B 366 -11.98 -34.67 -27.47
N SER B 367 -13.30 -34.58 -27.42
CA SER B 367 -13.99 -33.30 -27.62
C SER B 367 -14.33 -32.56 -26.32
N LEU B 368 -13.81 -31.33 -26.23
CA LEU B 368 -14.00 -30.46 -25.08
C LEU B 368 -15.45 -30.16 -24.81
N GLU B 369 -16.34 -30.58 -25.71
CA GLU B 369 -17.76 -30.31 -25.51
C GLU B 369 -18.35 -31.11 -24.39
N GLU B 370 -17.81 -32.30 -24.16
CA GLU B 370 -18.35 -33.17 -23.13
C GLU B 370 -18.30 -32.59 -21.73
N ASN B 371 -19.49 -32.48 -21.12
CA ASN B 371 -19.65 -31.94 -19.78
C ASN B 371 -19.13 -30.51 -19.72
N TYR B 372 -19.24 -29.81 -20.83
CA TYR B 372 -18.74 -28.44 -20.91
C TYR B 372 -19.67 -27.42 -20.31
N VAL B 373 -19.09 -26.50 -19.56
CA VAL B 373 -19.85 -25.43 -18.93
C VAL B 373 -19.02 -24.17 -19.03
N GLN B 374 -19.63 -23.11 -19.55
CA GLN B 374 -18.93 -21.83 -19.69
C GLN B 374 -18.85 -21.07 -18.37
N ASP B 375 -17.66 -20.58 -18.04
CA ASP B 375 -17.48 -19.82 -16.81
C ASP B 375 -18.63 -18.83 -16.59
N SER B 376 -19.27 -18.93 -15.44
CA SER B 376 -20.39 -18.07 -15.10
C SER B 376 -20.06 -16.61 -15.24
N LYS B 377 -18.82 -16.25 -14.89
CA LYS B 377 -18.36 -14.86 -14.92
C LYS B 377 -17.65 -14.36 -16.19
N MET B 378 -17.72 -15.15 -17.27
CA MET B 378 -17.06 -14.76 -18.52
C MET B 378 -17.31 -13.31 -18.93
N GLY B 379 -18.57 -13.00 -19.22
CA GLY B 379 -18.94 -11.65 -19.63
C GLY B 379 -18.17 -10.55 -18.93
N PHE B 380 -18.14 -10.59 -17.62
CA PHE B 380 -17.42 -9.57 -16.91
C PHE B 380 -15.99 -9.49 -17.37
N VAL B 381 -15.33 -10.64 -17.44
CA VAL B 381 -13.93 -10.68 -17.86
C VAL B 381 -13.75 -9.97 -19.17
N ILE B 382 -14.34 -10.52 -20.24
CA ILE B 382 -14.22 -9.93 -21.57
C ILE B 382 -14.35 -8.42 -21.48
N ASN B 383 -15.40 -7.97 -20.79
CA ASN B 383 -15.66 -6.54 -20.59
C ASN B 383 -14.54 -5.79 -19.87
N ALA B 384 -14.09 -6.33 -18.74
CA ALA B 384 -13.00 -5.73 -17.99
C ALA B 384 -11.85 -5.41 -18.96
N ILE B 385 -11.57 -6.36 -19.84
CA ILE B 385 -10.53 -6.18 -20.84
C ILE B 385 -10.96 -5.06 -21.76
N TYR B 386 -12.10 -5.23 -22.40
CA TYR B 386 -12.58 -4.21 -23.31
C TYR B 386 -12.53 -2.81 -22.65
N ALA B 387 -12.84 -2.73 -21.35
CA ALA B 387 -12.80 -1.44 -20.66
C ALA B 387 -11.35 -0.94 -20.56
N MET B 388 -10.44 -1.88 -20.74
CA MET B 388 -9.03 -1.57 -20.66
C MET B 388 -8.55 -1.06 -22.01
N ALA B 389 -9.20 -1.49 -23.07
CA ALA B 389 -8.83 -1.01 -24.41
C ALA B 389 -9.31 0.43 -24.56
N HIS B 390 -10.62 0.61 -24.35
CA HIS B 390 -11.29 1.90 -24.41
C HIS B 390 -10.58 2.98 -23.59
N GLY B 391 -9.97 2.56 -22.48
CA GLY B 391 -9.27 3.52 -21.67
C GLY B 391 -8.16 4.08 -22.55
N LEU B 392 -7.46 3.19 -23.25
CA LEU B 392 -6.35 3.58 -24.13
C LEU B 392 -6.83 4.31 -25.35
N GLN B 393 -7.81 3.73 -26.03
CA GLN B 393 -8.35 4.34 -27.22
C GLN B 393 -8.63 5.81 -26.90
N ASN B 394 -9.39 6.04 -25.83
CA ASN B 394 -9.72 7.38 -25.42
C ASN B 394 -8.46 8.19 -24.99
N MET B 395 -7.41 7.53 -24.50
CA MET B 395 -6.20 8.30 -24.13
C MET B 395 -5.49 8.74 -25.39
N HIS B 396 -5.46 7.87 -26.37
CA HIS B 396 -4.78 8.18 -27.61
C HIS B 396 -5.40 9.42 -28.24
N HIS B 397 -6.69 9.36 -28.51
CA HIS B 397 -7.41 10.47 -29.13
C HIS B 397 -7.07 11.80 -28.50
N ALA B 398 -6.96 11.84 -27.19
CA ALA B 398 -6.66 13.10 -26.53
C ALA B 398 -5.21 13.55 -26.61
N LEU B 399 -4.26 12.64 -26.33
CA LEU B 399 -2.83 13.00 -26.33
C LEU B 399 -2.04 12.72 -27.59
N CYS B 400 -2.73 12.36 -28.67
CA CYS B 400 -2.07 12.07 -29.92
C CYS B 400 -2.95 12.46 -31.08
N PRO B 401 -3.47 13.69 -31.05
CA PRO B 401 -4.34 14.10 -32.16
C PRO B 401 -3.56 13.99 -33.47
N GLY B 402 -4.25 13.57 -34.52
CA GLY B 402 -3.61 13.44 -35.82
C GLY B 402 -2.64 12.29 -35.98
N HIS B 403 -2.10 11.78 -34.89
CA HIS B 403 -1.17 10.66 -34.98
C HIS B 403 -1.89 9.36 -35.27
N VAL B 404 -1.21 8.50 -36.03
CA VAL B 404 -1.77 7.21 -36.43
C VAL B 404 -1.55 6.15 -35.35
N GLY B 405 -0.29 6.01 -34.92
CA GLY B 405 0.04 5.04 -33.91
C GLY B 405 0.26 5.66 -32.55
N LEU B 406 1.27 5.21 -31.83
CA LEU B 406 1.55 5.78 -30.52
C LEU B 406 2.49 6.97 -30.66
N CYS B 407 2.02 8.15 -30.27
CA CYS B 407 2.84 9.34 -30.37
C CYS B 407 3.82 9.38 -29.24
N ASP B 408 4.81 10.26 -29.35
CA ASP B 408 5.81 10.36 -28.31
C ASP B 408 5.18 10.47 -26.91
N ALA B 409 4.14 11.28 -26.80
CA ALA B 409 3.43 11.52 -25.53
C ALA B 409 3.01 10.27 -24.77
N MET B 410 2.87 9.15 -25.46
CA MET B 410 2.48 7.93 -24.78
C MET B 410 3.65 6.98 -24.64
N LYS B 411 4.84 7.42 -25.03
CA LYS B 411 6.02 6.57 -24.91
C LYS B 411 6.95 7.18 -23.88
N PRO B 412 6.91 6.68 -22.64
CA PRO B 412 6.06 5.60 -22.14
C PRO B 412 4.63 6.07 -21.85
N ILE B 413 3.75 5.14 -21.47
CA ILE B 413 2.37 5.47 -21.15
C ILE B 413 2.28 5.91 -19.71
N ASP B 414 1.78 7.12 -19.48
CA ASP B 414 1.67 7.65 -18.11
C ASP B 414 0.59 6.98 -17.35
N GLY B 415 0.95 6.39 -16.23
CA GLY B 415 -0.03 5.70 -15.41
C GLY B 415 -1.21 6.57 -15.04
N ARG B 416 -0.99 7.47 -14.07
CA ARG B 416 -2.02 8.36 -13.56
C ARG B 416 -2.99 8.83 -14.61
N LYS B 417 -2.49 9.26 -15.75
CA LYS B 417 -3.41 9.73 -16.78
C LYS B 417 -4.31 8.58 -17.28
N LEU B 418 -3.73 7.47 -17.74
CA LEU B 418 -4.55 6.37 -18.22
C LEU B 418 -5.69 6.12 -17.22
N LEU B 419 -5.48 6.47 -15.96
CA LEU B 419 -6.50 6.27 -14.95
C LEU B 419 -7.71 7.12 -15.25
N ASP B 420 -7.51 8.43 -15.40
CA ASP B 420 -8.63 9.30 -15.71
C ASP B 420 -9.37 8.71 -16.90
N PHE B 421 -8.67 8.64 -18.02
CA PHE B 421 -9.24 8.10 -19.24
C PHE B 421 -10.10 6.89 -18.96
N LEU B 422 -9.56 5.95 -18.18
CA LEU B 422 -10.29 4.75 -17.84
C LEU B 422 -11.61 5.11 -17.23
N ILE B 423 -11.59 5.75 -16.07
CA ILE B 423 -12.82 6.15 -15.38
C ILE B 423 -13.87 6.83 -16.28
N LYS B 424 -13.45 7.90 -16.93
CA LYS B 424 -14.34 8.64 -17.82
C LYS B 424 -14.59 7.88 -19.10
N SER B 425 -14.38 6.56 -19.06
CA SER B 425 -14.61 5.76 -20.26
C SER B 425 -15.95 5.09 -20.16
N SER B 426 -16.63 4.98 -21.30
CA SER B 426 -17.94 4.34 -21.38
C SER B 426 -18.02 3.59 -22.71
N PHE B 427 -18.80 2.52 -22.74
CA PHE B 427 -18.93 1.72 -23.96
C PHE B 427 -20.02 0.65 -23.89
N VAL B 428 -20.25 0.02 -25.05
CA VAL B 428 -21.24 -1.05 -25.18
C VAL B 428 -20.62 -2.39 -24.78
N GLY B 429 -21.24 -3.05 -23.81
CA GLY B 429 -20.74 -4.35 -23.37
C GLY B 429 -20.67 -5.39 -24.48
N VAL B 430 -19.96 -6.48 -24.24
CA VAL B 430 -19.82 -7.55 -25.24
C VAL B 430 -21.12 -8.29 -25.49
N SER B 431 -22.04 -8.20 -24.52
CA SER B 431 -23.33 -8.85 -24.64
C SER B 431 -24.45 -7.82 -24.83
N GLY B 432 -24.05 -6.56 -24.95
CA GLY B 432 -25.04 -5.51 -25.16
C GLY B 432 -25.37 -4.68 -23.93
N GLU B 433 -24.60 -4.86 -22.88
CA GLU B 433 -24.81 -4.13 -21.64
C GLU B 433 -24.15 -2.73 -21.66
N GLU B 434 -24.60 -1.85 -20.76
CA GLU B 434 -24.07 -0.49 -20.65
C GLU B 434 -22.93 -0.52 -19.64
N VAL B 435 -21.74 -0.08 -20.05
CA VAL B 435 -20.56 -0.09 -19.17
C VAL B 435 -19.94 1.29 -18.87
N TRP B 436 -19.80 1.62 -17.59
CA TRP B 436 -19.22 2.90 -17.19
C TRP B 436 -18.85 2.87 -15.72
N PHE B 437 -18.12 3.89 -15.26
CA PHE B 437 -17.71 3.91 -13.86
C PHE B 437 -18.11 5.23 -13.21
N ASP B 438 -18.39 5.17 -11.91
CA ASP B 438 -18.74 6.35 -11.14
C ASP B 438 -17.43 7.03 -10.77
N GLU B 439 -17.43 7.91 -9.78
CA GLU B 439 -16.18 8.56 -9.42
C GLU B 439 -15.22 7.67 -8.62
N LYS B 440 -15.73 6.57 -8.06
CA LYS B 440 -14.91 5.69 -7.23
C LYS B 440 -14.43 4.42 -7.93
N GLY B 441 -14.81 4.27 -9.19
CA GLY B 441 -14.41 3.10 -9.96
C GLY B 441 -15.40 1.96 -9.84
N ASP B 442 -16.60 2.27 -9.39
CA ASP B 442 -17.67 1.29 -9.21
C ASP B 442 -18.58 1.23 -10.44
N ALA B 443 -19.04 0.03 -10.79
CA ALA B 443 -19.91 -0.15 -11.95
C ALA B 443 -21.36 -0.19 -11.51
N PRO B 444 -22.30 0.09 -12.42
CA PRO B 444 -23.72 0.07 -12.10
C PRO B 444 -24.14 -1.34 -11.75
N GLY B 445 -25.12 -1.48 -10.87
CA GLY B 445 -25.56 -2.81 -10.48
C GLY B 445 -26.58 -3.40 -11.44
N ARG B 446 -26.54 -4.71 -11.57
CA ARG B 446 -27.47 -5.38 -12.47
C ARG B 446 -27.49 -6.86 -12.18
N TYR B 447 -28.44 -7.30 -11.35
CA TYR B 447 -28.51 -8.72 -11.01
C TYR B 447 -29.70 -9.48 -11.61
N ASP B 448 -29.90 -10.70 -11.12
CA ASP B 448 -31.00 -11.56 -11.52
C ASP B 448 -31.62 -11.98 -10.18
N ILE B 449 -32.93 -12.20 -10.15
CA ILE B 449 -33.61 -12.63 -8.92
C ILE B 449 -33.92 -14.13 -9.08
N MET B 450 -33.16 -14.99 -8.41
CA MET B 450 -33.40 -16.42 -8.58
C MET B 450 -34.38 -16.91 -7.56
N ASN B 451 -35.16 -17.90 -7.97
CA ASN B 451 -36.17 -18.52 -7.14
C ASN B 451 -36.10 -20.05 -7.28
N LEU B 452 -35.68 -20.75 -6.23
CA LEU B 452 -35.60 -22.21 -6.26
C LEU B 452 -36.99 -22.87 -6.08
N GLN B 453 -37.53 -23.44 -7.16
CA GLN B 453 -38.85 -24.10 -7.12
C GLN B 453 -38.87 -25.46 -7.86
N TYR B 454 -40.00 -26.16 -7.82
CA TYR B 454 -40.13 -27.45 -8.51
C TYR B 454 -40.65 -27.16 -9.93
N THR B 455 -39.80 -27.36 -10.94
CA THR B 455 -40.22 -27.12 -12.31
C THR B 455 -41.41 -28.01 -12.63
N GLU B 456 -42.17 -27.66 -13.66
CA GLU B 456 -43.34 -28.46 -14.06
C GLU B 456 -42.87 -29.86 -14.43
N ALA B 457 -41.55 -29.97 -14.66
CA ALA B 457 -40.94 -31.24 -15.03
C ALA B 457 -40.90 -32.20 -13.85
N ASN B 458 -39.70 -32.45 -13.35
CA ASN B 458 -39.51 -33.35 -12.22
C ASN B 458 -38.14 -33.09 -11.62
N ARG B 459 -37.98 -31.91 -11.01
CA ARG B 459 -36.72 -31.52 -10.42
C ARG B 459 -36.82 -30.13 -9.76
N TYR B 460 -36.06 -29.94 -8.68
CA TYR B 460 -36.03 -28.67 -7.98
C TYR B 460 -34.90 -27.89 -8.66
N ASP B 461 -35.21 -26.80 -9.33
CA ASP B 461 -34.19 -26.00 -10.02
C ASP B 461 -34.36 -24.52 -9.70
N TYR B 462 -33.32 -23.75 -9.95
CA TYR B 462 -33.38 -22.33 -9.74
C TYR B 462 -33.99 -21.72 -11.00
N VAL B 463 -35.13 -21.04 -10.85
CA VAL B 463 -35.77 -20.43 -12.00
C VAL B 463 -35.65 -18.92 -12.01
N HIS B 464 -35.17 -18.38 -13.12
CA HIS B 464 -35.02 -16.93 -13.29
C HIS B 464 -36.44 -16.38 -13.29
N VAL B 465 -36.73 -15.42 -12.41
CA VAL B 465 -38.06 -14.81 -12.29
C VAL B 465 -38.02 -13.29 -12.37
N GLY B 466 -36.99 -12.67 -11.81
CA GLY B 466 -36.88 -11.22 -11.84
C GLY B 466 -35.50 -10.64 -12.05
N THR B 467 -35.42 -9.34 -12.34
CA THR B 467 -34.17 -8.61 -12.59
C THR B 467 -34.08 -7.37 -11.70
N TRP B 468 -32.93 -6.70 -11.73
CA TRP B 468 -32.72 -5.49 -10.93
C TRP B 468 -31.83 -4.55 -11.73
N HIS B 469 -32.46 -3.64 -12.46
CA HIS B 469 -31.72 -2.70 -13.29
C HIS B 469 -31.52 -1.29 -12.70
N GLU B 470 -30.78 -1.20 -11.59
CA GLU B 470 -30.48 0.09 -10.92
C GLU B 470 -31.65 0.74 -10.18
N GLY B 471 -32.19 0.06 -9.17
CA GLY B 471 -33.30 0.62 -8.40
C GLY B 471 -34.68 0.22 -8.91
N VAL B 472 -34.73 -0.20 -10.17
CA VAL B 472 -35.97 -0.62 -10.82
C VAL B 472 -36.17 -2.13 -10.63
N LEU B 473 -37.02 -2.53 -9.69
CA LEU B 473 -37.25 -3.95 -9.43
C LEU B 473 -38.39 -4.57 -10.23
N ASN B 474 -38.07 -5.60 -11.02
CA ASN B 474 -39.07 -6.29 -11.84
C ASN B 474 -39.15 -7.77 -11.48
N ILE B 475 -40.36 -8.31 -11.48
CA ILE B 475 -40.61 -9.72 -11.16
C ILE B 475 -41.89 -10.20 -11.81
N ASP B 476 -41.85 -11.37 -12.43
CA ASP B 476 -43.05 -11.93 -13.05
C ASP B 476 -43.84 -12.64 -11.94
N ASP B 477 -44.63 -11.87 -11.20
CA ASP B 477 -45.43 -12.41 -10.11
C ASP B 477 -46.07 -13.76 -10.45
N TYR B 478 -46.30 -14.00 -11.74
CA TYR B 478 -46.90 -15.25 -12.19
C TYR B 478 -45.92 -16.42 -12.22
N LYS B 479 -44.64 -16.12 -11.97
CA LYS B 479 -43.60 -17.15 -11.97
C LYS B 479 -43.32 -17.64 -10.55
N ILE B 480 -43.68 -16.83 -9.56
CA ILE B 480 -43.48 -17.18 -8.15
C ILE B 480 -44.75 -17.73 -7.50
N MCG C . 10.07 17.05 8.98
CA MCG C . 10.45 16.18 7.85
C MCG C . 10.03 14.75 8.12
CB MCG C . 11.95 16.24 7.62
CG1 MCG C . 12.75 15.09 7.86
CG2 MCG C . 12.55 17.44 7.21
CD1 MCG C . 14.16 15.17 7.70
CD2 MCG C . 13.94 17.52 7.05
CE MCG C . 14.74 16.40 7.31
CZ MCG C . 16.17 16.51 7.18
OH2 MCG C . 16.64 16.86 6.09
OH1 MCG C . 16.86 16.24 8.19
O MCG C . 9.76 14.02 7.14
OXT MCG C . 9.96 14.38 9.32
CM MCG C . 9.70 16.59 6.56
N MCG D . -18.15 -12.18 -3.30
CA MCG D . -16.86 -12.87 -3.06
C MCG D . -15.65 -11.87 -3.07
CB MCG D . -16.64 -13.94 -4.09
CG1 MCG D . -15.48 -13.93 -4.91
CG2 MCG D . -17.60 -14.96 -4.23
CD1 MCG D . -15.31 -14.94 -5.87
CD2 MCG D . -17.42 -15.96 -5.19
CE MCG D . -16.27 -15.95 -6.01
CZ MCG D . -16.11 -16.97 -7.02
OH2 MCG D . -16.08 -18.16 -6.65
OH1 MCG D . -16.05 -16.62 -8.22
O MCG D . -14.69 -12.08 -2.28
OXT MCG D . -15.67 -10.91 -3.88
CM MCG D . -16.89 -13.51 -1.64
#